data_8F1V
# 
_entry.id   8F1V 
# 
_audit_conform.dict_name       mmcif_pdbx.dic 
_audit_conform.dict_version    5.380 
_audit_conform.dict_location   http://mmcif.pdb.org/dictionaries/ascii/mmcif_pdbx.dic 
# 
loop_
_database_2.database_id 
_database_2.database_code 
_database_2.pdbx_database_accession 
_database_2.pdbx_DOI 
PDB   8F1V         pdb_00008f1v 10.2210/pdb8f1v/pdb 
WWPDB D_1000269859 ?            ?                   
# 
_pdbx_database_status.status_code                     REL 
_pdbx_database_status.status_code_sf                  REL 
_pdbx_database_status.status_code_mr                  ? 
_pdbx_database_status.entry_id                        8F1V 
_pdbx_database_status.recvd_initial_deposition_date   2022-11-06 
_pdbx_database_status.SG_entry                        N 
_pdbx_database_status.deposit_site                    RCSB 
_pdbx_database_status.process_site                    RCSB 
_pdbx_database_status.status_code_cs                  ? 
_pdbx_database_status.status_code_nmr_data            ? 
_pdbx_database_status.methods_development_category    ? 
_pdbx_database_status.pdb_format_compatible           Y 
# 
loop_
_audit_author.name 
_audit_author.pdbx_ordinal 
_audit_author.identifier_ORCID 
'Ogbonna, E.N.' 1 0000-0002-0762-0603 
'Wilson, W.D.'  2 0000-0001-5225-5089 
# 
loop_
_citation.abstract 
_citation.abstract_id_CAS 
_citation.book_id_ISBN 
_citation.book_publisher 
_citation.book_publisher_city 
_citation.book_title 
_citation.coordinate_linkage 
_citation.country 
_citation.database_id_Medline 
_citation.details 
_citation.id 
_citation.journal_abbrev 
_citation.journal_id_ASTM 
_citation.journal_id_CSD 
_citation.journal_id_ISSN 
_citation.journal_full 
_citation.journal_issue 
_citation.journal_volume 
_citation.language 
_citation.page_first 
_citation.page_last 
_citation.title 
_citation.year 
_citation.database_id_CSD 
_citation.pdbx_database_id_DOI 
_citation.pdbx_database_id_PubMed 
_citation.pdbx_database_id_patent 
_citation.unpublished_flag 
? ? ? ? ? ? ? US ? ? primary 'Acs Bio Med Chem Au' ?      ?    2694-2437 ? ? 3  ? 335 348 
'X-ray Structure Characterization of the Selective Recognition of AT Base Pair Sequences.'                                  2023 ? 
10.1021/acsbiomedchemau.3c00002 37599788 ? ? 
? ? ? ? ? ? ? US ? ? 1       'J Org Chem'          JOCEAH 0035 1520-6904 ? ? 79 ? 852 866 
'Design and synthesis of heterocyclic cations for specific DNA recognition: from AT-rich to mixed-base-pair DNA sequences.' 2014 ? 
10.1021/jo402599s               24422528 ? ? 
# 
loop_
_citation_author.citation_id 
_citation_author.name 
_citation_author.ordinal 
_citation_author.identifier_ORCID 
primary 'Ogbonna, E.N.' 1  ?                   
primary 'Paul, A.'      2  0000-0003-4592-3442 
primary 'Farahat, A.A.' 3  ?                   
primary 'Terrell, J.R.' 4  ?                   
primary 'Mineva, E.'    5  ?                   
primary 'Ogbonna, V.'   6  ?                   
primary 'Boykin, D.W.'  7  ?                   
primary 'Wilson, W.D.'  8  0000-0001-5225-5089 
1       'Chai, Y.'      9  ?                   
1       'Paul, A.'      10 ?                   
1       'Rettig, M.'    11 ?                   
1       'Wilson, W.D.'  12 ?                   
1       'Boykin, D.W.'  13 ?                   
# 
_cell.angle_alpha                  90.000 
_cell.angle_alpha_esd              ? 
_cell.angle_beta                   90.000 
_cell.angle_beta_esd               ? 
_cell.angle_gamma                  90.000 
_cell.angle_gamma_esd              ? 
_cell.entry_id                     8F1V 
_cell.details                      ? 
_cell.formula_units_Z              ? 
_cell.length_a                     25.030 
_cell.length_a_esd                 ? 
_cell.length_b                     41.458 
_cell.length_b_esd                 ? 
_cell.length_c                     64.004 
_cell.length_c_esd                 ? 
_cell.volume                       ? 
_cell.volume_esd                   ? 
_cell.Z_PDB                        4 
_cell.reciprocal_angle_alpha       ? 
_cell.reciprocal_angle_beta        ? 
_cell.reciprocal_angle_gamma       ? 
_cell.reciprocal_angle_alpha_esd   ? 
_cell.reciprocal_angle_beta_esd    ? 
_cell.reciprocal_angle_gamma_esd   ? 
_cell.reciprocal_length_a          ? 
_cell.reciprocal_length_b          ? 
_cell.reciprocal_length_c          ? 
_cell.reciprocal_length_a_esd      ? 
_cell.reciprocal_length_b_esd      ? 
_cell.reciprocal_length_c_esd      ? 
_cell.pdbx_unique_axis             ? 
_cell.pdbx_esd_method              ? 
# 
_symmetry.entry_id                         8F1V 
_symmetry.cell_setting                     ? 
_symmetry.Int_Tables_number                19 
_symmetry.space_group_name_Hall            ? 
_symmetry.space_group_name_H-M             'P 21 21 21' 
_symmetry.pdbx_full_space_group_name_H-M   ? 
# 
loop_
_entity.id 
_entity.type 
_entity.src_method 
_entity.pdbx_description 
_entity.formula_weight 
_entity.pdbx_number_of_molecules 
_entity.pdbx_ec 
_entity.pdbx_mutation 
_entity.pdbx_fragment 
_entity.details 
1 polymer     syn 
;DNA (5'-D(*CP*GP*CP*AP*AP*AP*AP*AP*AP*GP*CP*G)-3')
;
3689.446 1  ? ? ? ? 
2 polymer     syn 
;DNA (5'-D(*CP*GP*CP*TP*TP*TP*TP*TP*TP*GP*CP*G)-3')
;
3635.362 1  ? ? ? ? 
3 non-polymer syn "4,4'-(1H-benzimidazole-2,6-diyl)di(benzene-1-carboximidamide)" 354.408  1  ? ? ? ? 
4 non-polymer syn 'MAGNESIUM ION'                                                 24.305   1  ? ? ? ? 
5 water       nat water                                                           18.015   14 ? ? ? ? 
# 
loop_
_entity_poly.entity_id 
_entity_poly.type 
_entity_poly.nstd_linkage 
_entity_poly.nstd_monomer 
_entity_poly.pdbx_seq_one_letter_code 
_entity_poly.pdbx_seq_one_letter_code_can 
_entity_poly.pdbx_strand_id 
_entity_poly.pdbx_target_identifier 
1 polydeoxyribonucleotide no no '(DC)(DG)(DC)(DA)(DA)(DA)(DA)(DA)(DA)(DG)(DC)(DG)' CGCAAAAAAGCG B ? 
2 polydeoxyribonucleotide no no '(DC)(DG)(DC)(DT)(DT)(DT)(DT)(DT)(DT)(DG)(DC)(DG)' CGCTTTTTTGCG C ? 
# 
loop_
_entity_poly_seq.entity_id 
_entity_poly_seq.num 
_entity_poly_seq.mon_id 
_entity_poly_seq.hetero 
1 1  DC n 
1 2  DG n 
1 3  DC n 
1 4  DA n 
1 5  DA n 
1 6  DA n 
1 7  DA n 
1 8  DA n 
1 9  DA n 
1 10 DG n 
1 11 DC n 
1 12 DG n 
2 1  DC n 
2 2  DG n 
2 3  DC n 
2 4  DT n 
2 5  DT n 
2 6  DT n 
2 7  DT n 
2 8  DT n 
2 9  DT n 
2 10 DG n 
2 11 DC n 
2 12 DG n 
# 
loop_
_pdbx_entity_src_syn.entity_id 
_pdbx_entity_src_syn.pdbx_src_id 
_pdbx_entity_src_syn.pdbx_alt_source_flag 
_pdbx_entity_src_syn.pdbx_beg_seq_num 
_pdbx_entity_src_syn.pdbx_end_seq_num 
_pdbx_entity_src_syn.organism_scientific 
_pdbx_entity_src_syn.organism_common_name 
_pdbx_entity_src_syn.ncbi_taxonomy_id 
_pdbx_entity_src_syn.details 
1 1 sample 1 12 'Homo sapiens' ? 9606 ? 
2 1 sample 1 12 'Homo sapiens' ? 9606 ? 
# 
loop_
_struct_ref.id 
_struct_ref.db_name 
_struct_ref.db_code 
_struct_ref.pdbx_db_accession 
_struct_ref.pdbx_db_isoform 
_struct_ref.entity_id 
_struct_ref.pdbx_seq_one_letter_code 
_struct_ref.pdbx_align_begin 
1 PDB 8F1V 8F1V ? 1 ? 1 
2 PDB 8F1V 8F1V ? 2 ? 1 
# 
loop_
_struct_ref_seq.align_id 
_struct_ref_seq.ref_id 
_struct_ref_seq.pdbx_PDB_id_code 
_struct_ref_seq.pdbx_strand_id 
_struct_ref_seq.seq_align_beg 
_struct_ref_seq.pdbx_seq_align_beg_ins_code 
_struct_ref_seq.seq_align_end 
_struct_ref_seq.pdbx_seq_align_end_ins_code 
_struct_ref_seq.pdbx_db_accession 
_struct_ref_seq.db_align_beg 
_struct_ref_seq.pdbx_db_align_beg_ins_code 
_struct_ref_seq.db_align_end 
_struct_ref_seq.pdbx_db_align_end_ins_code 
_struct_ref_seq.pdbx_auth_seq_align_beg 
_struct_ref_seq.pdbx_auth_seq_align_end 
1 1 8F1V B 1 ? 12 ? 8F1V 1  ? 12 ? 1  12 
2 2 8F1V C 1 ? 12 ? 8F1V 13 ? 24 ? 13 24 
# 
loop_
_chem_comp.id 
_chem_comp.type 
_chem_comp.mon_nstd_flag 
_chem_comp.name 
_chem_comp.pdbx_synonyms 
_chem_comp.formula 
_chem_comp.formula_weight 
DA  'DNA linking' y "2'-DEOXYADENOSINE-5'-MONOPHOSPHATE"                            ? 'C10 H14 N5 O6 P' 331.222 
DC  'DNA linking' y "2'-DEOXYCYTIDINE-5'-MONOPHOSPHATE"                             ? 'C9 H14 N3 O7 P'  307.197 
DG  'DNA linking' y "2'-DEOXYGUANOSINE-5'-MONOPHOSPHATE"                            ? 'C10 H14 N5 O7 P' 347.221 
DT  'DNA linking' y "THYMIDINE-5'-MONOPHOSPHATE"                                    ? 'C10 H15 N2 O8 P' 322.208 
HOH non-polymer   . WATER                                                           ? 'H2 O'            18.015  
MG  non-polymer   . 'MAGNESIUM ION'                                                 ? 'Mg 2'            24.305  
WFB non-polymer   . "4,4'-(1H-benzimidazole-2,6-diyl)di(benzene-1-carboximidamide)" ? 'C21 H18 N6'      354.408 
# 
_exptl.absorpt_coefficient_mu     ? 
_exptl.absorpt_correction_T_max   ? 
_exptl.absorpt_correction_T_min   ? 
_exptl.absorpt_correction_type    ? 
_exptl.absorpt_process_details    ? 
_exptl.entry_id                   8F1V 
_exptl.crystals_number            1 
_exptl.details                    ? 
_exptl.method                     'X-RAY DIFFRACTION' 
_exptl.method_details             ? 
# 
_exptl_crystal.colour                       ? 
_exptl_crystal.density_diffrn               ? 
_exptl_crystal.density_Matthews             2.27 
_exptl_crystal.density_method               ? 
_exptl_crystal.density_percent_sol          45.74 
_exptl_crystal.description                  ? 
_exptl_crystal.F_000                        ? 
_exptl_crystal.id                           1 
_exptl_crystal.preparation                  ? 
_exptl_crystal.size_max                     ? 
_exptl_crystal.size_mid                     ? 
_exptl_crystal.size_min                     ? 
_exptl_crystal.size_rad                     ? 
_exptl_crystal.colour_lustre                ? 
_exptl_crystal.colour_modifier              ? 
_exptl_crystal.colour_primary               ? 
_exptl_crystal.density_meas                 ? 
_exptl_crystal.density_meas_esd             ? 
_exptl_crystal.density_meas_gt              ? 
_exptl_crystal.density_meas_lt              ? 
_exptl_crystal.density_meas_temp            ? 
_exptl_crystal.density_meas_temp_esd        ? 
_exptl_crystal.density_meas_temp_gt         ? 
_exptl_crystal.density_meas_temp_lt         ? 
_exptl_crystal.pdbx_crystal_image_url       ? 
_exptl_crystal.pdbx_crystal_image_format    ? 
_exptl_crystal.pdbx_mosaicity               ? 
_exptl_crystal.pdbx_mosaicity_esd           ? 
_exptl_crystal.pdbx_mosaic_method           ? 
_exptl_crystal.pdbx_mosaic_block_size       ? 
_exptl_crystal.pdbx_mosaic_block_size_esd   ? 
# 
_exptl_crystal_grow.apparatus       ? 
_exptl_crystal_grow.atmosphere      ? 
_exptl_crystal_grow.crystal_id      1 
_exptl_crystal_grow.details         ? 
_exptl_crystal_grow.method          'VAPOR DIFFUSION, HANGING DROP' 
_exptl_crystal_grow.method_ref      ? 
_exptl_crystal_grow.pH              6 
_exptl_crystal_grow.pressure        ? 
_exptl_crystal_grow.pressure_esd    ? 
_exptl_crystal_grow.seeding         ? 
_exptl_crystal_grow.seeding_ref     ? 
_exptl_crystal_grow.temp_details    ? 
_exptl_crystal_grow.temp_esd        ? 
_exptl_crystal_grow.time            ? 
_exptl_crystal_grow.pdbx_details    
'MPD, SODIUM CACOCYLATE TRIHYDRATE, SPERMINE TETRACHLORIDE, SODIUM CHLORIDE, POTASSIUM CHLORIDE, MAGNESIUM HEXAHYDRATE' 
_exptl_crystal_grow.pdbx_pH_range   ? 
_exptl_crystal_grow.temp            298 
# 
_diffrn.ambient_environment              ? 
_diffrn.ambient_temp                     100 
_diffrn.ambient_temp_details             ? 
_diffrn.ambient_temp_esd                 ? 
_diffrn.crystal_id                       1 
_diffrn.crystal_support                  ? 
_diffrn.crystal_treatment                ? 
_diffrn.details                          ? 
_diffrn.id                               1 
_diffrn.ambient_pressure                 ? 
_diffrn.ambient_pressure_esd             ? 
_diffrn.ambient_pressure_gt              ? 
_diffrn.ambient_pressure_lt              ? 
_diffrn.ambient_temp_gt                  ? 
_diffrn.ambient_temp_lt                  ? 
_diffrn.pdbx_serial_crystal_experiment   N 
# 
_diffrn_detector.details                      ? 
_diffrn_detector.detector                     PIXEL 
_diffrn_detector.diffrn_id                    1 
_diffrn_detector.type                         'DECTRIS EIGER X 9M' 
_diffrn_detector.area_resol_mean              ? 
_diffrn_detector.dtime                        ? 
_diffrn_detector.pdbx_frames_total            ? 
_diffrn_detector.pdbx_collection_time_total   ? 
_diffrn_detector.pdbx_collection_date         2022-07-25 
_diffrn_detector.pdbx_frequency               ? 
_diffrn_detector.id                           ? 
_diffrn_detector.number_of_axes               ? 
# 
_diffrn_radiation.collimation                      ? 
_diffrn_radiation.diffrn_id                        1 
_diffrn_radiation.filter_edge                      ? 
_diffrn_radiation.inhomogeneity                    ? 
_diffrn_radiation.monochromator                    ? 
_diffrn_radiation.polarisn_norm                    ? 
_diffrn_radiation.polarisn_ratio                   ? 
_diffrn_radiation.probe                            ? 
_diffrn_radiation.type                             ? 
_diffrn_radiation.xray_symbol                      ? 
_diffrn_radiation.wavelength_id                    1 
_diffrn_radiation.pdbx_monochromatic_or_laue_m_l   M 
_diffrn_radiation.pdbx_wavelength_list             ? 
_diffrn_radiation.pdbx_wavelength                  ? 
_diffrn_radiation.pdbx_diffrn_protocol             'SINGLE WAVELENGTH' 
_diffrn_radiation.pdbx_analyzer                    ? 
_diffrn_radiation.pdbx_scattering_type             x-ray 
# 
_diffrn_radiation_wavelength.id           1 
_diffrn_radiation_wavelength.wavelength   1 
_diffrn_radiation_wavelength.wt           1.0 
# 
_diffrn_source.current                     ? 
_diffrn_source.details                     ? 
_diffrn_source.diffrn_id                   1 
_diffrn_source.power                       ? 
_diffrn_source.size                        ? 
_diffrn_source.source                      SYNCHROTRON 
_diffrn_source.target                      ? 
_diffrn_source.type                        'NSLS-II BEAMLINE 17-ID-1' 
_diffrn_source.voltage                     ? 
_diffrn_source.take-off_angle              ? 
_diffrn_source.pdbx_wavelength_list        1 
_diffrn_source.pdbx_wavelength             ? 
_diffrn_source.pdbx_synchrotron_beamline   17-ID-1 
_diffrn_source.pdbx_synchrotron_site       NSLS-II 
# 
_reflns.B_iso_Wilson_estimate                          ? 
_reflns.entry_id                                       8F1V 
_reflns.data_reduction_details                         ? 
_reflns.data_reduction_method                          ? 
_reflns.d_resolution_high                              2.1 
_reflns.d_resolution_low                               25.33 
_reflns.details                                        ? 
_reflns.limit_h_max                                    ? 
_reflns.limit_h_min                                    ? 
_reflns.limit_k_max                                    ? 
_reflns.limit_k_min                                    ? 
_reflns.limit_l_max                                    ? 
_reflns.limit_l_min                                    ? 
_reflns.number_all                                     ? 
_reflns.number_obs                                     4201 
_reflns.observed_criterion                             ? 
_reflns.observed_criterion_F_max                       ? 
_reflns.observed_criterion_F_min                       ? 
_reflns.observed_criterion_I_max                       ? 
_reflns.observed_criterion_I_min                       ? 
_reflns.observed_criterion_sigma_F                     ? 
_reflns.observed_criterion_sigma_I                     ? 
_reflns.percent_possible_obs                           99.5 
_reflns.R_free_details                                 ? 
_reflns.Rmerge_F_all                                   ? 
_reflns.Rmerge_F_obs                                   ? 
_reflns.Friedel_coverage                               ? 
_reflns.number_gt                                      ? 
_reflns.threshold_expression                           ? 
_reflns.pdbx_redundancy                                2 
_reflns.pdbx_netI_over_av_sigmaI                       ? 
_reflns.pdbx_netI_over_sigmaI                          9.71 
_reflns.pdbx_res_netI_over_av_sigmaI_2                 ? 
_reflns.pdbx_res_netI_over_sigmaI_2                    ? 
_reflns.pdbx_chi_squared                               ? 
_reflns.pdbx_scaling_rejects                           ? 
_reflns.pdbx_d_res_high_opt                            ? 
_reflns.pdbx_d_res_low_opt                             ? 
_reflns.pdbx_d_res_opt_method                          ? 
_reflns.phase_calculation_details                      ? 
_reflns.pdbx_Rrim_I_all                                ? 
_reflns.pdbx_Rpim_I_all                                ? 
_reflns.pdbx_d_opt                                     ? 
_reflns.pdbx_number_measured_all                       ? 
_reflns.pdbx_diffrn_id                                 1 
_reflns.pdbx_ordinal                                   1 
_reflns.pdbx_CC_half                                   0.999 
_reflns.pdbx_CC_star                                   ? 
_reflns.pdbx_R_split                                   ? 
_reflns.pdbx_Rmerge_I_obs                              ? 
_reflns.pdbx_Rmerge_I_all                              ? 
_reflns.pdbx_Rsym_value                                ? 
_reflns.pdbx_CC_split_method                           ? 
_reflns.pdbx_aniso_diffraction_limit_axis_1_ortho[1]   ? 
_reflns.pdbx_aniso_diffraction_limit_axis_1_ortho[2]   ? 
_reflns.pdbx_aniso_diffraction_limit_axis_1_ortho[3]   ? 
_reflns.pdbx_aniso_diffraction_limit_axis_2_ortho[1]   ? 
_reflns.pdbx_aniso_diffraction_limit_axis_2_ortho[2]   ? 
_reflns.pdbx_aniso_diffraction_limit_axis_2_ortho[3]   ? 
_reflns.pdbx_aniso_diffraction_limit_axis_3_ortho[1]   ? 
_reflns.pdbx_aniso_diffraction_limit_axis_3_ortho[2]   ? 
_reflns.pdbx_aniso_diffraction_limit_axis_3_ortho[3]   ? 
_reflns.pdbx_aniso_diffraction_limit_1                 ? 
_reflns.pdbx_aniso_diffraction_limit_2                 ? 
_reflns.pdbx_aniso_diffraction_limit_3                 ? 
_reflns.pdbx_aniso_B_tensor_eigenvector_1_ortho[1]     ? 
_reflns.pdbx_aniso_B_tensor_eigenvector_1_ortho[2]     ? 
_reflns.pdbx_aniso_B_tensor_eigenvector_1_ortho[3]     ? 
_reflns.pdbx_aniso_B_tensor_eigenvector_2_ortho[1]     ? 
_reflns.pdbx_aniso_B_tensor_eigenvector_2_ortho[2]     ? 
_reflns.pdbx_aniso_B_tensor_eigenvector_2_ortho[3]     ? 
_reflns.pdbx_aniso_B_tensor_eigenvector_3_ortho[1]     ? 
_reflns.pdbx_aniso_B_tensor_eigenvector_3_ortho[2]     ? 
_reflns.pdbx_aniso_B_tensor_eigenvector_3_ortho[3]     ? 
_reflns.pdbx_aniso_B_tensor_eigenvalue_1               ? 
_reflns.pdbx_aniso_B_tensor_eigenvalue_2               ? 
_reflns.pdbx_aniso_B_tensor_eigenvalue_3               ? 
_reflns.pdbx_orthogonalization_convention              ? 
_reflns.pdbx_percent_possible_ellipsoidal              ? 
_reflns.pdbx_percent_possible_spherical                ? 
_reflns.pdbx_percent_possible_ellipsoidal_anomalous    ? 
_reflns.pdbx_percent_possible_spherical_anomalous      ? 
_reflns.pdbx_redundancy_anomalous                      ? 
_reflns.pdbx_CC_half_anomalous                         ? 
_reflns.pdbx_absDiff_over_sigma_anomalous              ? 
_reflns.pdbx_percent_possible_anomalous                ? 
_reflns.pdbx_observed_signal_threshold                 ? 
_reflns.pdbx_signal_type                               ? 
_reflns.pdbx_signal_details                            ? 
_reflns.pdbx_signal_software_id                        ? 
# 
_reflns_shell.d_res_high                                    2.1 
_reflns_shell.d_res_low                                     2.175 
_reflns_shell.meanI_over_sigI_all                           ? 
_reflns_shell.meanI_over_sigI_obs                           ? 
_reflns_shell.number_measured_all                           ? 
_reflns_shell.number_measured_obs                           ? 
_reflns_shell.number_possible                               ? 
_reflns_shell.number_unique_all                             ? 
_reflns_shell.number_unique_obs                             403 
_reflns_shell.percent_possible_obs                          ? 
_reflns_shell.Rmerge_F_all                                  ? 
_reflns_shell.Rmerge_F_obs                                  ? 
_reflns_shell.meanI_over_sigI_gt                            ? 
_reflns_shell.meanI_over_uI_all                             ? 
_reflns_shell.meanI_over_uI_gt                              ? 
_reflns_shell.number_measured_gt                            ? 
_reflns_shell.number_unique_gt                              ? 
_reflns_shell.percent_possible_gt                           ? 
_reflns_shell.Rmerge_F_gt                                   ? 
_reflns_shell.Rmerge_I_gt                                   ? 
_reflns_shell.pdbx_redundancy                               ? 
_reflns_shell.pdbx_chi_squared                              ? 
_reflns_shell.pdbx_netI_over_sigmaI_all                     ? 
_reflns_shell.pdbx_netI_over_sigmaI_obs                     ? 
_reflns_shell.pdbx_Rrim_I_all                               ? 
_reflns_shell.pdbx_Rpim_I_all                               ? 
_reflns_shell.pdbx_rejects                                  ? 
_reflns_shell.pdbx_ordinal                                  1 
_reflns_shell.pdbx_diffrn_id                                1 
_reflns_shell.pdbx_CC_half                                  0.95 
_reflns_shell.pdbx_CC_star                                  ? 
_reflns_shell.pdbx_R_split                                  ? 
_reflns_shell.percent_possible_all                          ? 
_reflns_shell.Rmerge_I_all                                  ? 
_reflns_shell.Rmerge_I_obs                                  ? 
_reflns_shell.pdbx_Rsym_value                               ? 
_reflns_shell.pdbx_percent_possible_ellipsoidal             ? 
_reflns_shell.pdbx_percent_possible_spherical               ? 
_reflns_shell.pdbx_percent_possible_ellipsoidal_anomalous   ? 
_reflns_shell.pdbx_percent_possible_spherical_anomalous     ? 
_reflns_shell.pdbx_redundancy_anomalous                     ? 
_reflns_shell.pdbx_CC_half_anomalous                        ? 
_reflns_shell.pdbx_absDiff_over_sigma_anomalous             ? 
_reflns_shell.pdbx_percent_possible_anomalous               ? 
# 
_refine.aniso_B[1][1]                            ? 
_refine.aniso_B[1][2]                            ? 
_refine.aniso_B[1][3]                            ? 
_refine.aniso_B[2][2]                            ? 
_refine.aniso_B[2][3]                            ? 
_refine.aniso_B[3][3]                            ? 
_refine.B_iso_max                                65.970 
_refine.B_iso_mean                               47.1386 
_refine.B_iso_min                                39.020 
_refine.correlation_coeff_Fo_to_Fc               ? 
_refine.correlation_coeff_Fo_to_Fc_free          ? 
_refine.details                                  ? 
_refine.diff_density_max                         ? 
_refine.diff_density_max_esd                     ? 
_refine.diff_density_min                         ? 
_refine.diff_density_min_esd                     ? 
_refine.diff_density_rms                         ? 
_refine.diff_density_rms_esd                     ? 
_refine.entry_id                                 8F1V 
_refine.pdbx_refine_id                           'X-RAY DIFFRACTION' 
_refine.ls_abs_structure_details                 ? 
_refine.ls_abs_structure_Flack                   ? 
_refine.ls_abs_structure_Flack_esd               ? 
_refine.ls_abs_structure_Rogers                  ? 
_refine.ls_abs_structure_Rogers_esd              ? 
_refine.ls_d_res_high                            2.1000 
_refine.ls_d_res_low                             25.3300 
_refine.ls_extinction_coef                       ? 
_refine.ls_extinction_coef_esd                   ? 
_refine.ls_extinction_expression                 ? 
_refine.ls_extinction_method                     ? 
_refine.ls_goodness_of_fit_all                   ? 
_refine.ls_goodness_of_fit_all_esd               ? 
_refine.ls_goodness_of_fit_obs                   ? 
_refine.ls_goodness_of_fit_obs_esd               ? 
_refine.ls_hydrogen_treatment                    ? 
_refine.ls_matrix_type                           ? 
_refine.ls_number_constraints                    ? 
_refine.ls_number_parameters                     ? 
_refine.ls_number_reflns_all                     ? 
_refine.ls_number_reflns_obs                     4186 
_refine.ls_number_reflns_R_free                  421 
_refine.ls_number_reflns_R_work                  3765 
_refine.ls_number_restraints                     ? 
_refine.ls_percent_reflns_obs                    99.6200 
_refine.ls_percent_reflns_R_free                 10.0600 
_refine.ls_R_factor_all                          ? 
_refine.ls_R_factor_obs                          0.2823 
_refine.ls_R_factor_R_free                       0.3251 
_refine.ls_R_factor_R_free_error                 ? 
_refine.ls_R_factor_R_free_error_details         ? 
_refine.ls_R_factor_R_work                       0.2772 
_refine.ls_R_Fsqd_factor_obs                     ? 
_refine.ls_R_I_factor_obs                        ? 
_refine.ls_redundancy_reflns_all                 ? 
_refine.ls_redundancy_reflns_obs                 ? 
_refine.ls_restrained_S_all                      ? 
_refine.ls_restrained_S_obs                      ? 
_refine.ls_shift_over_esd_max                    ? 
_refine.ls_shift_over_esd_mean                   ? 
_refine.ls_structure_factor_coef                 ? 
_refine.ls_weighting_details                     ? 
_refine.ls_weighting_scheme                      ? 
_refine.ls_wR_factor_all                         ? 
_refine.ls_wR_factor_obs                         ? 
_refine.ls_wR_factor_R_free                      ? 
_refine.ls_wR_factor_R_work                      ? 
_refine.occupancy_max                            ? 
_refine.occupancy_min                            ? 
_refine.solvent_model_details                    'FLAT BULK SOLVENT MODEL' 
_refine.solvent_model_param_bsol                 ? 
_refine.solvent_model_param_ksol                 ? 
_refine.pdbx_R_complete                          ? 
_refine.ls_R_factor_gt                           ? 
_refine.ls_goodness_of_fit_gt                    ? 
_refine.ls_goodness_of_fit_ref                   ? 
_refine.ls_shift_over_su_max                     ? 
_refine.ls_shift_over_su_max_lt                  ? 
_refine.ls_shift_over_su_mean                    ? 
_refine.ls_shift_over_su_mean_lt                 ? 
_refine.pdbx_ls_sigma_I                          ? 
_refine.pdbx_ls_sigma_F                          1.400 
_refine.pdbx_ls_sigma_Fsqd                       ? 
_refine.pdbx_data_cutoff_high_absF               ? 
_refine.pdbx_data_cutoff_high_rms_absF           ? 
_refine.pdbx_data_cutoff_low_absF                ? 
_refine.pdbx_isotropic_thermal_model             ? 
_refine.pdbx_ls_cross_valid_method               THROUGHOUT 
_refine.pdbx_method_to_determine_struct          'MOLECULAR REPLACEMENT' 
_refine.pdbx_starting_model                      1BNA 
_refine.pdbx_stereochemistry_target_values       ML 
_refine.pdbx_R_Free_selection_details            ? 
_refine.pdbx_stereochem_target_val_spec_case     ? 
_refine.pdbx_overall_ESU_R                       ? 
_refine.pdbx_overall_ESU_R_Free                  ? 
_refine.pdbx_solvent_vdw_probe_radii             1.1100 
_refine.pdbx_solvent_ion_probe_radii             ? 
_refine.pdbx_solvent_shrinkage_radii             0.9000 
_refine.pdbx_real_space_R                        ? 
_refine.pdbx_density_correlation                 ? 
_refine.pdbx_pd_number_of_powder_patterns        ? 
_refine.pdbx_pd_number_of_points                 ? 
_refine.pdbx_pd_meas_number_of_points            ? 
_refine.pdbx_pd_proc_ls_prof_R_factor            ? 
_refine.pdbx_pd_proc_ls_prof_wR_factor           ? 
_refine.pdbx_pd_Marquardt_correlation_coeff      ? 
_refine.pdbx_pd_Fsqrd_R_factor                   ? 
_refine.pdbx_pd_ls_matrix_band_width             ? 
_refine.pdbx_overall_phase_error                 43.1800 
_refine.pdbx_overall_SU_R_free_Cruickshank_DPI   ? 
_refine.pdbx_overall_SU_R_free_Blow_DPI          ? 
_refine.pdbx_overall_SU_R_Blow_DPI               ? 
_refine.pdbx_TLS_residual_ADP_flag               ? 
_refine.pdbx_diffrn_id                           1 
_refine.overall_SU_B                             ? 
_refine.overall_SU_ML                            0.4400 
_refine.overall_SU_R_Cruickshank_DPI             ? 
_refine.overall_SU_R_free                        ? 
_refine.overall_FOM_free_R_set                   ? 
_refine.overall_FOM_work_R_set                   ? 
_refine.pdbx_average_fsc_overall                 ? 
_refine.pdbx_average_fsc_work                    ? 
_refine.pdbx_average_fsc_free                    ? 
# 
_refine_hist.pdbx_refine_id                   'X-RAY DIFFRACTION' 
_refine_hist.cycle_id                         final 
_refine_hist.details                          ? 
_refine_hist.d_res_high                       2.1000 
_refine_hist.d_res_low                        25.3300 
_refine_hist.number_atoms_solvent             14 
_refine_hist.number_atoms_total               548 
_refine_hist.number_reflns_all                ? 
_refine_hist.number_reflns_obs                ? 
_refine_hist.number_reflns_R_free             ? 
_refine_hist.number_reflns_R_work             ? 
_refine_hist.R_factor_all                     ? 
_refine_hist.R_factor_obs                     ? 
_refine_hist.R_factor_R_free                  ? 
_refine_hist.R_factor_R_work                  ? 
_refine_hist.pdbx_number_residues_total       24 
_refine_hist.pdbx_B_iso_mean_ligand           50.42 
_refine_hist.pdbx_B_iso_mean_solvent          43.61 
_refine_hist.pdbx_number_atoms_protein        0 
_refine_hist.pdbx_number_atoms_nucleic_acid   486 
_refine_hist.pdbx_number_atoms_ligand         48 
_refine_hist.pdbx_number_atoms_lipid          ? 
_refine_hist.pdbx_number_atoms_carb           ? 
_refine_hist.pdbx_pseudo_atom_details         ? 
# 
loop_
_refine_ls_shell.pdbx_refine_id 
_refine_ls_shell.d_res_high 
_refine_ls_shell.d_res_low 
_refine_ls_shell.number_reflns_all 
_refine_ls_shell.number_reflns_obs 
_refine_ls_shell.number_reflns_R_free 
_refine_ls_shell.number_reflns_R_work 
_refine_ls_shell.percent_reflns_obs 
_refine_ls_shell.percent_reflns_R_free 
_refine_ls_shell.R_factor_all 
_refine_ls_shell.R_factor_obs 
_refine_ls_shell.R_factor_R_free_error 
_refine_ls_shell.R_factor_R_work 
_refine_ls_shell.redundancy_reflns_all 
_refine_ls_shell.redundancy_reflns_obs 
_refine_ls_shell.wR_factor_all 
_refine_ls_shell.wR_factor_obs 
_refine_ls_shell.wR_factor_R_free 
_refine_ls_shell.wR_factor_R_work 
_refine_ls_shell.pdbx_R_complete 
_refine_ls_shell.pdbx_total_number_of_bins_used 
_refine_ls_shell.pdbx_phase_error 
_refine_ls_shell.pdbx_fsc_work 
_refine_ls_shell.pdbx_fsc_free 
_refine_ls_shell.R_factor_R_free 
'X-RAY DIFFRACTION' 2.1000 2.4000  1349 . 136 1213 100.0000 . . . 0.0000 0.4015 . . . . . . . 3 . . . 0.4614 
'X-RAY DIFFRACTION' 2.4000 3.0300  1381 . 137 1244 100.0000 . . . 0.0000 0.3723 . . . . . . . 3 . . . 0.3997 
'X-RAY DIFFRACTION' 3.0300 25.3300 1456 . 148 1308 99.0000  . . . 0.0000 0.2337 . . . . . . . 3 . . . 0.2884 
# 
_struct.entry_id                     8F1V 
_struct.title                        
;A benzimidazole (DB1476) sequence-specific recognition of 5'-CGCAAAAAAGCG-3' in B-orientation
;
_struct.pdbx_model_details           ? 
_struct.pdbx_formula_weight          ? 
_struct.pdbx_formula_weight_method   ? 
_struct.pdbx_model_type_details      ? 
_struct.pdbx_CASP_flag               N 
# 
_struct_keywords.entry_id        8F1V 
_struct_keywords.text            'DNA, Minor groove binder, Minor groove, sequence recognition' 
_struct_keywords.pdbx_keywords   DNA 
# 
loop_
_struct_asym.id 
_struct_asym.pdbx_blank_PDB_chainid_flag 
_struct_asym.pdbx_modified 
_struct_asym.entity_id 
_struct_asym.details 
A N N 1 ? 
B N N 2 ? 
C N N 3 ? 
D N N 4 ? 
E N N 5 ? 
F N N 5 ? 
# 
loop_
_struct_conn.id 
_struct_conn.conn_type_id 
_struct_conn.pdbx_leaving_atom_flag 
_struct_conn.pdbx_PDB_id 
_struct_conn.ptnr1_label_asym_id 
_struct_conn.ptnr1_label_comp_id 
_struct_conn.ptnr1_label_seq_id 
_struct_conn.ptnr1_label_atom_id 
_struct_conn.pdbx_ptnr1_label_alt_id 
_struct_conn.pdbx_ptnr1_PDB_ins_code 
_struct_conn.pdbx_ptnr1_standard_comp_id 
_struct_conn.ptnr1_symmetry 
_struct_conn.ptnr2_label_asym_id 
_struct_conn.ptnr2_label_comp_id 
_struct_conn.ptnr2_label_seq_id 
_struct_conn.ptnr2_label_atom_id 
_struct_conn.pdbx_ptnr2_label_alt_id 
_struct_conn.pdbx_ptnr2_PDB_ins_code 
_struct_conn.ptnr1_auth_asym_id 
_struct_conn.ptnr1_auth_comp_id 
_struct_conn.ptnr1_auth_seq_id 
_struct_conn.ptnr2_auth_asym_id 
_struct_conn.ptnr2_auth_comp_id 
_struct_conn.ptnr2_auth_seq_id 
_struct_conn.ptnr2_symmetry 
_struct_conn.pdbx_ptnr3_label_atom_id 
_struct_conn.pdbx_ptnr3_label_seq_id 
_struct_conn.pdbx_ptnr3_label_comp_id 
_struct_conn.pdbx_ptnr3_label_asym_id 
_struct_conn.pdbx_ptnr3_label_alt_id 
_struct_conn.pdbx_ptnr3_PDB_ins_code 
_struct_conn.details 
_struct_conn.pdbx_dist_value 
_struct_conn.pdbx_value_order 
_struct_conn.pdbx_role 
metalc1  metalc ? ? D MG .  MG ? ? ? 1_555 E HOH .  O  ? ? B MG 102 B HOH 207 3_645 ? ? ? ? ? ? ?            2.738 ? ? 
hydrog1  hydrog ? ? A DC 1  N3 ? ? ? 1_555 B DG  12 N1 ? ? B DC 1   C DG  24  1_555 ? ? ? ? ? ? WATSON-CRICK ?     ? ? 
hydrog2  hydrog ? ? A DC 1  N4 ? ? ? 1_555 B DG  12 O6 ? ? B DC 1   C DG  24  1_555 ? ? ? ? ? ? WATSON-CRICK ?     ? ? 
hydrog3  hydrog ? ? A DC 1  O2 ? ? ? 1_555 B DG  12 N2 ? ? B DC 1   C DG  24  1_555 ? ? ? ? ? ? WATSON-CRICK ?     ? ? 
hydrog4  hydrog ? ? A DG 2  N1 ? ? ? 1_555 B DC  11 N3 ? ? B DG 2   C DC  23  1_555 ? ? ? ? ? ? WATSON-CRICK ?     ? ? 
hydrog5  hydrog ? ? A DG 2  N2 ? ? ? 1_555 B DC  11 O2 ? ? B DG 2   C DC  23  1_555 ? ? ? ? ? ? WATSON-CRICK ?     ? ? 
hydrog6  hydrog ? ? A DG 2  O6 ? ? ? 1_555 B DC  11 N4 ? ? B DG 2   C DC  23  1_555 ? ? ? ? ? ? WATSON-CRICK ?     ? ? 
hydrog7  hydrog ? ? A DC 3  N3 ? ? ? 1_555 B DG  10 N1 ? ? B DC 3   C DG  22  1_555 ? ? ? ? ? ? WATSON-CRICK ?     ? ? 
hydrog8  hydrog ? ? A DC 3  N4 ? ? ? 1_555 B DG  10 O6 ? ? B DC 3   C DG  22  1_555 ? ? ? ? ? ? WATSON-CRICK ?     ? ? 
hydrog9  hydrog ? ? A DC 3  O2 ? ? ? 1_555 B DG  10 N2 ? ? B DC 3   C DG  22  1_555 ? ? ? ? ? ? WATSON-CRICK ?     ? ? 
hydrog10 hydrog ? ? A DA 4  N1 ? ? ? 1_555 B DT  9  N3 ? ? B DA 4   C DT  21  1_555 ? ? ? ? ? ? WATSON-CRICK ?     ? ? 
hydrog11 hydrog ? ? A DA 4  N6 ? ? ? 1_555 B DT  9  O4 ? ? B DA 4   C DT  21  1_555 ? ? ? ? ? ? WATSON-CRICK ?     ? ? 
hydrog12 hydrog ? ? A DA 5  N1 ? ? ? 1_555 B DT  8  N3 ? ? B DA 5   C DT  20  1_555 ? ? ? ? ? ? WATSON-CRICK ?     ? ? 
hydrog13 hydrog ? ? A DA 5  N6 ? ? ? 1_555 B DT  8  O4 ? ? B DA 5   C DT  20  1_555 ? ? ? ? ? ? WATSON-CRICK ?     ? ? 
hydrog14 hydrog ? ? A DA 6  N1 ? ? ? 1_555 B DT  7  N3 ? ? B DA 6   C DT  19  1_555 ? ? ? ? ? ? WATSON-CRICK ?     ? ? 
hydrog15 hydrog ? ? A DA 6  N6 ? ? ? 1_555 B DT  7  O4 ? ? B DA 6   C DT  19  1_555 ? ? ? ? ? ? WATSON-CRICK ?     ? ? 
hydrog16 hydrog ? ? A DA 7  N1 ? ? ? 1_555 B DT  6  N3 ? ? B DA 7   C DT  18  1_555 ? ? ? ? ? ? WATSON-CRICK ?     ? ? 
hydrog17 hydrog ? ? A DA 7  N6 ? ? ? 1_555 B DT  6  O4 ? ? B DA 7   C DT  18  1_555 ? ? ? ? ? ? WATSON-CRICK ?     ? ? 
hydrog18 hydrog ? ? A DA 8  N1 ? ? ? 1_555 B DT  5  N3 ? ? B DA 8   C DT  17  1_555 ? ? ? ? ? ? WATSON-CRICK ?     ? ? 
hydrog19 hydrog ? ? A DA 8  N6 ? ? ? 1_555 B DT  5  O4 ? ? B DA 8   C DT  17  1_555 ? ? ? ? ? ? WATSON-CRICK ?     ? ? 
hydrog20 hydrog ? ? A DA 9  N1 ? ? ? 1_555 B DT  4  N3 ? ? B DA 9   C DT  16  1_555 ? ? ? ? ? ? WATSON-CRICK ?     ? ? 
hydrog21 hydrog ? ? A DA 9  N6 ? ? ? 1_555 B DT  4  O4 ? ? B DA 9   C DT  16  1_555 ? ? ? ? ? ? WATSON-CRICK ?     ? ? 
hydrog22 hydrog ? ? A DG 10 N1 ? ? ? 1_555 B DC  3  N3 ? ? B DG 10  C DC  15  1_555 ? ? ? ? ? ? WATSON-CRICK ?     ? ? 
hydrog23 hydrog ? ? A DG 10 N2 ? ? ? 1_555 B DC  3  O2 ? ? B DG 10  C DC  15  1_555 ? ? ? ? ? ? WATSON-CRICK ?     ? ? 
hydrog24 hydrog ? ? A DG 10 O6 ? ? ? 1_555 B DC  3  N4 ? ? B DG 10  C DC  15  1_555 ? ? ? ? ? ? WATSON-CRICK ?     ? ? 
hydrog25 hydrog ? ? A DC 11 N3 ? ? ? 1_555 B DG  2  N1 ? ? B DC 11  C DG  14  1_555 ? ? ? ? ? ? WATSON-CRICK ?     ? ? 
hydrog26 hydrog ? ? A DC 11 N4 ? ? ? 1_555 B DG  2  O6 ? ? B DC 11  C DG  14  1_555 ? ? ? ? ? ? WATSON-CRICK ?     ? ? 
hydrog27 hydrog ? ? A DC 11 O2 ? ? ? 1_555 B DG  2  N2 ? ? B DC 11  C DG  14  1_555 ? ? ? ? ? ? WATSON-CRICK ?     ? ? 
hydrog28 hydrog ? ? A DG 12 N1 ? ? ? 1_555 B DC  1  N3 ? ? B DG 12  C DC  13  1_555 ? ? ? ? ? ? WATSON-CRICK ?     ? ? 
hydrog29 hydrog ? ? A DG 12 N2 ? ? ? 1_555 B DC  1  O2 ? ? B DG 12  C DC  13  1_555 ? ? ? ? ? ? WATSON-CRICK ?     ? ? 
hydrog30 hydrog ? ? A DG 12 O6 ? ? ? 1_555 B DC  1  N4 ? ? B DG 12  C DC  13  1_555 ? ? ? ? ? ? WATSON-CRICK ?     ? ? 
# 
loop_
_struct_conn_type.id 
_struct_conn_type.criteria 
_struct_conn_type.reference 
metalc ? ? 
hydrog ? ? 
# 
_atom_sites.entry_id                    8F1V 
_atom_sites.Cartn_transf_matrix[1][1]   ? 
_atom_sites.Cartn_transf_matrix[1][2]   ? 
_atom_sites.Cartn_transf_matrix[1][3]   ? 
_atom_sites.Cartn_transf_matrix[2][1]   ? 
_atom_sites.Cartn_transf_matrix[2][2]   ? 
_atom_sites.Cartn_transf_matrix[2][3]   ? 
_atom_sites.Cartn_transf_matrix[3][1]   ? 
_atom_sites.Cartn_transf_matrix[3][2]   ? 
_atom_sites.Cartn_transf_matrix[3][3]   ? 
_atom_sites.Cartn_transf_vector[1]      ? 
_atom_sites.Cartn_transf_vector[2]      ? 
_atom_sites.Cartn_transf_vector[3]      ? 
_atom_sites.fract_transf_matrix[1][1]   -0.01187596 
_atom_sites.fract_transf_matrix[1][2]   0.02676797 
_atom_sites.fract_transf_matrix[1][3]   -0.02717719 
_atom_sites.fract_transf_matrix[2][1]   -0.02211623 
_atom_sites.fract_transf_matrix[2][2]   -0.00003722 
_atom_sites.fract_transf_matrix[2][3]   0.00962775 
_atom_sites.fract_transf_matrix[3][1]   0.00416189 
_atom_sites.fract_transf_matrix[3][2]   0.01159858 
_atom_sites.fract_transf_matrix[3][3]   0.00960526 
_atom_sites.fract_transf_vector[1]      0.571283 
_atom_sites.fract_transf_vector[2]      0.525990 
_atom_sites.fract_transf_vector[3]      0.102088 
_atom_sites.solution_primary            ? 
_atom_sites.solution_secondary          ? 
_atom_sites.solution_hydrogens          ? 
_atom_sites.special_details             ? 
# 
loop_
_atom_type.symbol 
C  
H  
MG 
N  
O  
P  
# 
loop_
_atom_site.group_PDB 
_atom_site.id 
_atom_site.type_symbol 
_atom_site.label_atom_id 
_atom_site.label_alt_id 
_atom_site.label_comp_id 
_atom_site.label_asym_id 
_atom_site.label_entity_id 
_atom_site.label_seq_id 
_atom_site.pdbx_PDB_ins_code 
_atom_site.Cartn_x 
_atom_site.Cartn_y 
_atom_site.Cartn_z 
_atom_site.occupancy 
_atom_site.B_iso_or_equiv 
_atom_site.pdbx_formal_charge 
_atom_site.auth_seq_id 
_atom_site.auth_comp_id 
_atom_site.auth_asym_id 
_atom_site.auth_atom_id 
_atom_site.pdbx_PDB_model_num 
ATOM   1   O  "O5'"  . DC  A 1 1  ? -8.653  15.859  13.666  1.00 46.82 ? 1   DC  B "O5'"  1 
ATOM   2   C  "C5'"  . DC  A 1 1  ? -9.247  15.571  12.368  1.00 46.19 ? 1   DC  B "C5'"  1 
ATOM   3   C  "C4'"  . DC  A 1 1  ? -8.413  16.153  11.232  1.00 46.68 ? 1   DC  B "C4'"  1 
ATOM   4   O  "O4'"  . DC  A 1 1  ? -7.011  16.165  11.608  1.00 45.51 ? 1   DC  B "O4'"  1 
ATOM   5   C  "C3'"  . DC  A 1 1  ? -8.491  15.377  9.911   1.00 47.17 ? 1   DC  B "C3'"  1 
ATOM   6   O  "O3'"  . DC  A 1 1  ? -8.640  16.279  8.817   1.00 48.56 ? 1   DC  B "O3'"  1 
ATOM   7   C  "C2'"  . DC  A 1 1  ? -7.167  14.613  9.862   1.00 46.49 ? 1   DC  B "C2'"  1 
ATOM   8   C  "C1'"  . DC  A 1 1  ? -6.232  15.571  10.587  1.00 44.78 ? 1   DC  B "C1'"  1 
ATOM   9   N  N1     . DC  A 1 1  ? -5.063  14.947  11.220  1.00 43.41 ? 1   DC  B N1     1 
ATOM   10  C  C2     . DC  A 1 1  ? -3.757  15.354  10.863  1.00 42.86 ? 1   DC  B C2     1 
ATOM   11  O  O2     . DC  A 1 1  ? -3.586  16.224  9.996   1.00 43.42 ? 1   DC  B O2     1 
ATOM   12  N  N3     . DC  A 1 1  ? -2.718  14.782  11.475  1.00 43.01 ? 1   DC  B N3     1 
ATOM   13  C  C4     . DC  A 1 1  ? -2.906  13.860  12.397  1.00 43.20 ? 1   DC  B C4     1 
ATOM   14  N  N4     . DC  A 1 1  ? -1.811  13.328  12.968  1.00 42.39 ? 1   DC  B N4     1 
ATOM   15  C  C5     . DC  A 1 1  ? -4.212  13.437  12.782  1.00 42.96 ? 1   DC  B C5     1 
ATOM   16  C  C6     . DC  A 1 1  ? -5.247  14.003  12.175  1.00 43.13 ? 1   DC  B C6     1 
ATOM   17  H  "H5'"  . DC  A 1 1  ? -10.137 15.952  12.335  1.00 56.47 ? 1   DC  B "H5'"  1 
ATOM   18  H  "H5''" . DC  A 1 1  ? -9.310  14.610  12.255  1.00 56.47 ? 1   DC  B "H5''" 1 
ATOM   19  H  "H4'"  . DC  A 1 1  ? -8.691  17.069  11.074  1.00 57.07 ? 1   DC  B "H4'"  1 
ATOM   20  H  "H3'"  . DC  A 1 1  ? -9.228  14.747  9.938   1.00 57.65 ? 1   DC  B "H3'"  1 
ATOM   21  H  "H2'"  . DC  A 1 1  ? -7.230  13.762  10.322  1.00 56.84 ? 1   DC  B "H2'"  1 
ATOM   22  H  "H2''" . DC  A 1 1  ? -6.879  14.458  8.948   1.00 56.84 ? 1   DC  B "H2''" 1 
ATOM   23  H  "H1'"  . DC  A 1 1  ? -5.920  16.238  9.954   1.00 54.79 ? 1   DC  B "H1'"  1 
ATOM   24  H  H41    . DC  A 1 1  ? -1.892  12.723  13.573  1.00 51.91 ? 1   DC  B H41    1 
ATOM   25  H  H42    . DC  A 1 1  ? -1.029  13.592  12.726  1.00 51.91 ? 1   DC  B H42    1 
ATOM   26  H  H5     . DC  A 1 1  ? -4.334  12.786  13.435  1.00 52.60 ? 1   DC  B H5     1 
ATOM   27  H  H6     . DC  A 1 1  ? -6.111  13.750  12.409  1.00 52.81 ? 1   DC  B H6     1 
ATOM   28  H  "HO5'" . DC  A 1 1  ? -7.817  15.824  13.767  1.00 57.23 ? 1   DC  B "HO5'" 1 
ATOM   29  P  P      . DG  A 1 2  ? -8.881  15.697  7.339   1.00 49.68 ? 2   DG  B P      1 
ATOM   30  O  OP1    . DG  A 1 2  ? -9.785  16.644  6.645   1.00 51.38 ? 2   DG  B OP1    1 
ATOM   31  O  OP2    . DG  A 1 2  ? -9.183  14.243  7.461   1.00 48.97 ? 2   DG  B OP2    1 
ATOM   32  O  "O5'"  . DG  A 1 2  ? -7.440  15.772  6.677   1.00 46.78 ? 2   DG  B "O5'"  1 
ATOM   33  C  "C5'"  . DG  A 1 2  ? -6.889  16.988  6.403   1.00 46.50 ? 2   DG  B "C5'"  1 
ATOM   34  C  "C4'"  . DG  A 1 2  ? -5.632  16.777  5.623   1.00 45.97 ? 2   DG  B "C4'"  1 
ATOM   35  O  "O4'"  . DG  A 1 2  ? -4.646  16.156  6.479   1.00 45.21 ? 2   DG  B "O4'"  1 
ATOM   36  C  "C3'"  . DG  A 1 2  ? -5.793  15.863  4.415   1.00 43.84 ? 2   DG  B "C3'"  1 
ATOM   37  O  "O3'"  . DG  A 1 2  ? -5.096  16.430  3.332   1.00 45.28 ? 2   DG  B "O3'"  1 
ATOM   38  C  "C2'"  . DG  A 1 2  ? -5.170  14.538  4.863   1.00 42.50 ? 2   DG  B "C2'"  1 
ATOM   39  C  "C1'"  . DG  A 1 2  ? -4.109  15.019  5.850   1.00 43.30 ? 2   DG  B "C1'"  1 
ATOM   40  N  N9     . DG  A 1 2  ? -3.779  14.070  6.910   1.00 42.71 ? 2   DG  B N9     1 
ATOM   41  C  C8     . DG  A 1 2  ? -4.645  13.267  7.629   1.00 42.69 ? 2   DG  B C8     1 
ATOM   42  N  N7     . DG  A 1 2  ? -4.039  12.549  8.550   1.00 41.90 ? 2   DG  B N7     1 
ATOM   43  C  C5     . DG  A 1 2  ? -2.702  12.908  8.425   1.00 40.82 ? 2   DG  B C5     1 
ATOM   44  C  C6     . DG  A 1 2  ? -1.575  12.462  9.138   1.00 41.31 ? 2   DG  B C6     1 
ATOM   45  O  O6     . DG  A 1 2  ? -1.531  11.636  10.057  1.00 41.20 ? 2   DG  B O6     1 
ATOM   46  N  N1     . DG  A 1 2  ? -0.405  13.106  8.703   1.00 41.67 ? 2   DG  B N1     1 
ATOM   47  C  C2     . DG  A 1 2  ? -0.356  14.042  7.692   1.00 42.28 ? 2   DG  B C2     1 
ATOM   48  N  N2     . DG  A 1 2  ? 0.836   14.561  7.407   1.00 43.24 ? 2   DG  B N2     1 
ATOM   49  N  N3     . DG  A 1 2  ? -1.410  14.450  7.022   1.00 42.01 ? 2   DG  B N3     1 
ATOM   50  C  C4     . DG  A 1 2  ? -2.536  13.853  7.438   1.00 40.76 ? 2   DG  B C4     1 
ATOM   51  P  P      . DC  A 1 3  ? -5.201  15.784  1.869   1.00 43.21 ? 3   DC  B P      1 
ATOM   52  O  OP1    . DC  A 1 3  ? -5.607  16.912  0.987   1.00 45.24 ? 3   DC  B OP1    1 
ATOM   53  O  OP2    . DC  A 1 3  ? -6.000  14.546  1.929   1.00 43.88 ? 3   DC  B OP2    1 
ATOM   54  O  "O5'"  . DC  A 1 3  ? -3.706  15.286  1.564   1.00 43.16 ? 3   DC  B "O5'"  1 
ATOM   55  C  "C5'"  . DC  A 1 3  ? -2.585  16.044  1.990   1.00 44.74 ? 3   DC  B "C5'"  1 
ATOM   56  C  "C4'"  . DC  A 1 3  ? -1.374  15.139  2.138   1.00 43.99 ? 3   DC  B "C4'"  1 
ATOM   57  O  "O4'"  . DC  A 1 3  ? -1.435  14.468  3.410   1.00 42.67 ? 3   DC  B "O4'"  1 
ATOM   58  C  "C3'"  . DC  A 1 3  ? -1.277  14.039  1.089   1.00 42.79 ? 3   DC  B "C3'"  1 
ATOM   59  O  "O3'"  . DC  A 1 3  ? -0.345  14.425  0.082   1.00 46.54 ? 3   DC  B "O3'"  1 
ATOM   60  C  "C2'"  . DC  A 1 3  ? -0.791  12.799  1.861   1.00 44.30 ? 3   DC  B "C2'"  1 
ATOM   61  C  "C1'"  . DC  A 1 3  ? -0.766  13.231  3.331   1.00 43.07 ? 3   DC  B "C1'"  1 
ATOM   62  N  N1     . DC  A 1 3  ? -1.468  12.278  4.254   1.00 41.60 ? 3   DC  B N1     1 
ATOM   63  C  C2     . DC  A 1 3  ? -0.763  11.671  5.317   1.00 41.69 ? 3   DC  B C2     1 
ATOM   64  O  O2     . DC  A 1 3  ? 0.429   11.919  5.461   1.00 42.64 ? 3   DC  B O2     1 
ATOM   65  N  N3     . DC  A 1 3  ? -1.418  10.832  6.157   1.00 40.45 ? 3   DC  B N3     1 
ATOM   66  C  C4     . DC  A 1 3  ? -2.705  10.573  5.963   1.00 40.45 ? 3   DC  B C4     1 
ATOM   67  N  N4     . DC  A 1 3  ? -3.296  9.726   6.796   1.00 39.35 ? 3   DC  B N4     1 
ATOM   68  C  C5     . DC  A 1 3  ? -3.449  11.175  4.891   1.00 40.95 ? 3   DC  B C5     1 
ATOM   69  C  C6     . DC  A 1 3  ? -2.795  12.012  4.069   1.00 41.00 ? 3   DC  B C6     1 
ATOM   70  P  P      . DA  A 1 4  ? -0.150  13.530  -1.246  1.00 48.66 ? 4   DA  B P      1 
ATOM   71  O  OP1    . DA  A 1 4  ? 0.046   14.436  -2.402  1.00 48.73 ? 4   DA  B OP1    1 
ATOM   72  O  OP2    . DA  A 1 4  ? -1.208  12.494  -1.234  1.00 46.82 ? 4   DA  B OP2    1 
ATOM   73  O  "O5'"  . DA  A 1 4  ? 1.203   12.754  -0.967  1.00 46.61 ? 4   DA  B "O5'"  1 
ATOM   74  C  "C5'"  . DA  A 1 4  ? 2.281   13.451  -0.399  1.00 47.97 ? 4   DA  B "C5'"  1 
ATOM   75  C  "C4'"  . DA  A 1 4  ? 3.240   12.483  0.229   1.00 48.67 ? 4   DA  B "C4'"  1 
ATOM   76  O  "O4'"  . DA  A 1 4  ? 2.566   11.758  1.281   1.00 45.64 ? 4   DA  B "O4'"  1 
ATOM   77  C  "C3'"  . DA  A 1 4  ? 3.778   11.432  -0.729  1.00 48.60 ? 4   DA  B "C3'"  1 
ATOM   78  O  "O3'"  . DA  A 1 4  ? 5.131   11.228  -0.435  1.00 50.00 ? 4   DA  B "O3'"  1 
ATOM   79  C  "C2'"  . DA  A 1 4  ? 2.929   10.197  -0.410  1.00 47.64 ? 4   DA  B "C2'"  1 
ATOM   80  C  "C1'"  . DA  A 1 4  ? 2.714   10.381  1.093   1.00 45.98 ? 4   DA  B "C1'"  1 
ATOM   81  N  N9     . DA  A 1 4  ? 1.512   9.766   1.634   1.00 43.98 ? 4   DA  B N9     1 
ATOM   82  C  C8     . DA  A 1 4  ? 0.255   9.769   1.093   1.00 44.41 ? 4   DA  B C8     1 
ATOM   83  N  N7     . DA  A 1 4  ? -0.653  9.182   1.853   1.00 42.86 ? 4   DA  B N7     1 
ATOM   84  C  C5     . DA  A 1 4  ? 0.071   8.792   2.985   1.00 42.44 ? 4   DA  B C5     1 
ATOM   85  C  C6     . DA  A 1 4  ? -0.293  8.116   4.175   1.00 41.95 ? 4   DA  B C6     1 
ATOM   86  N  N6     . DA  A 1 4  ? -1.535  7.699   4.445   1.00 41.55 ? 4   DA  B N6     1 
ATOM   87  N  N1     . DA  A 1 4  ? 0.678   7.882   5.085   1.00 42.13 ? 4   DA  B N1     1 
ATOM   88  C  C2     . DA  A 1 4  ? 1.912   8.302   4.830   1.00 42.49 ? 4   DA  B C2     1 
ATOM   89  N  N3     . DA  A 1 4  ? 2.377   8.938   3.756   1.00 42.97 ? 4   DA  B N3     1 
ATOM   90  C  C4     . DA  A 1 4  ? 1.395   9.157   2.865   1.00 42.86 ? 4   DA  B C4     1 
ATOM   91  P  P      . DA  A 1 5  ? 6.139   10.668  -1.551  1.00 50.55 ? 5   DA  B P      1 
ATOM   92  O  OP1    . DA  A 1 5  ? 7.060   11.779  -1.890  1.00 51.09 ? 5   DA  B OP1    1 
ATOM   93  O  OP2    . DA  A 1 5  ? 5.395   9.883   -2.564  1.00 49.17 ? 5   DA  B OP2    1 
ATOM   94  O  "O5'"  . DA  A 1 5  ? 7.000   9.620   -0.739  1.00 51.58 ? 5   DA  B "O5'"  1 
ATOM   95  C  "C5'"  . DA  A 1 5  ? 7.516   9.988   0.497   1.00 49.67 ? 5   DA  B "C5'"  1 
ATOM   96  C  "C4'"  . DA  A 1 5  ? 7.482   8.804   1.422   1.00 47.89 ? 5   DA  B "C4'"  1 
ATOM   97  O  "O4'"  . DA  A 1 5  ? 6.113   8.481   1.751   1.00 46.62 ? 5   DA  B "O4'"  1 
ATOM   98  C  "C3'"  . DA  A 1 5  ? 8.101   7.534   0.854   1.00 46.06 ? 5   DA  B "C3'"  1 
ATOM   99  O  "O3'"  . DA  A 1 5  ? 9.056   7.060   1.790   1.00 44.07 ? 5   DA  B "O3'"  1 
ATOM   100 C  "C2'"  . DA  A 1 5  ? 6.900   6.582   0.690   1.00 44.94 ? 5   DA  B "C2'"  1 
ATOM   101 C  "C1'"  . DA  A 1 5  ? 5.948   7.090   1.754   1.00 44.75 ? 5   DA  B "C1'"  1 
ATOM   102 N  N9     . DA  A 1 5  ? 4.533   6.815   1.492   1.00 43.91 ? 5   DA  B N9     1 
ATOM   103 C  C8     . DA  A 1 5  ? 3.820   7.161   0.377   1.00 43.88 ? 5   DA  B C8     1 
ATOM   104 N  N7     . DA  A 1 5  ? 2.556   6.814   0.423   1.00 42.95 ? 5   DA  B N7     1 
ATOM   105 C  C5     . DA  A 1 5  ? 2.413   6.225   1.666   1.00 42.39 ? 5   DA  B C5     1 
ATOM   106 C  C6     . DA  A 1 5  ? 1.305   5.645   2.324   1.00 42.56 ? 5   DA  B C6     1 
ATOM   107 N  N6     . DA  A 1 5  ? 0.066   5.577   1.782   1.00 41.64 ? 5   DA  B N6     1 
ATOM   108 N  N1     . DA  A 1 5  ? 1.510   5.132   3.563   1.00 42.02 ? 5   DA  B N1     1 
ATOM   109 C  C2     . DA  A 1 5  ? 2.732   5.212   4.101   1.00 42.74 ? 5   DA  B C2     1 
ATOM   110 N  N3     . DA  A 1 5  ? 3.848   5.734   3.582   1.00 43.65 ? 5   DA  B N3     1 
ATOM   111 C  C4     . DA  A 1 5  ? 3.623   6.217   2.345   1.00 43.57 ? 5   DA  B C4     1 
ATOM   112 P  P      . DA  A 1 6  ? 9.950   5.767   1.478   1.00 45.43 ? 6   DA  B P      1 
ATOM   113 O  OP1    . DA  A 1 6  ? 11.234  5.920   2.212   1.00 42.83 ? 6   DA  B OP1    1 
ATOM   114 O  OP2    . DA  A 1 6  ? 9.950   5.564   -0.001  1.00 43.54 ? 6   DA  B OP2    1 
ATOM   115 O  "O5'"  . DA  A 1 6  ? 9.133   4.577   2.159   1.00 41.68 ? 6   DA  B "O5'"  1 
ATOM   116 C  "C5'"  . DA  A 1 6  ? 8.904   4.573   3.544   1.00 42.26 ? 6   DA  B "C5'"  1 
ATOM   117 C  "C4'"  . DA  A 1 6  ? 8.071   3.359   3.920   1.00 42.62 ? 6   DA  B "C4'"  1 
ATOM   118 O  "O4'"  . DA  A 1 6  ? 6.717   3.499   3.412   1.00 42.89 ? 6   DA  B "O4'"  1 
ATOM   119 C  "C3'"  . DA  A 1 6  ? 8.603   2.044   3.358   1.00 40.42 ? 6   DA  B "C3'"  1 
ATOM   120 O  "O3'"  . DA  A 1 6  ? 8.759   1.138   4.415   1.00 40.93 ? 6   DA  B "O3'"  1 
ATOM   121 C  "C2'"  . DA  A 1 6  ? 7.540   1.608   2.326   1.00 41.75 ? 6   DA  B "C2'"  1 
ATOM   122 C  "C1'"  . DA  A 1 6  ? 6.283   2.268   2.879   1.00 41.98 ? 6   DA  B "C1'"  1 
ATOM   123 N  N9     . DA  A 1 6  ? 5.235   2.575   1.903   1.00 41.91 ? 6   DA  B N9     1 
ATOM   124 C  C8     . DA  A 1 6  ? 5.378   3.221   0.706   1.00 41.77 ? 6   DA  B C8     1 
ATOM   125 N  N7     . DA  A 1 6  ? 4.238   3.411   0.072   1.00 42.70 ? 6   DA  B N7     1 
ATOM   126 C  C5     . DA  A 1 6  ? 3.274   2.888   0.938   1.00 42.39 ? 6   DA  B C5     1 
ATOM   127 C  C6     . DA  A 1 6  ? 1.866   2.780   0.853   1.00 42.60 ? 6   DA  B C6     1 
ATOM   128 N  N6     . DA  A 1 6  ? 1.159   3.222   -0.182  1.00 42.92 ? 6   DA  B N6     1 
ATOM   129 N  N1     . DA  A 1 6  ? 1.212   2.188   1.875   1.00 42.40 ? 6   DA  B N1     1 
ATOM   130 C  C2     . DA  A 1 6  ? 1.930   1.743   2.919   1.00 42.86 ? 6   DA  B C2     1 
ATOM   131 N  N3     . DA  A 1 6  ? 3.257   1.803   3.110   1.00 42.59 ? 6   DA  B N3     1 
ATOM   132 C  C4     . DA  A 1 6  ? 3.871   2.379   2.069   1.00 41.62 ? 6   DA  B C4     1 
ATOM   133 P  P      . DA  A 1 7  ? 9.374   -0.319  4.146   1.00 40.69 ? 7   DA  B P      1 
ATOM   134 O  OP1    . DA  A 1 7  ? 10.058  -0.771  5.366   1.00 41.92 ? 7   DA  B OP1    1 
ATOM   135 O  OP2    . DA  A 1 7  ? 10.044  -0.275  2.812   1.00 41.74 ? 7   DA  B OP2    1 
ATOM   136 O  "O5'"  . DA  A 1 7  ? 8.056   -1.193  4.031   1.00 42.31 ? 7   DA  B "O5'"  1 
ATOM   137 C  "C5'"  . DA  A 1 7  ? 7.114   -1.149  5.101   1.00 43.10 ? 7   DA  B "C5'"  1 
ATOM   138 C  "C4'"  . DA  A 1 7  ? 5.866   -1.877  4.694   1.00 42.92 ? 7   DA  B "C4'"  1 
ATOM   139 O  "O4'"  . DA  A 1 7  ? 5.247   -1.143  3.658   1.00 42.48 ? 7   DA  B "O4'"  1 
ATOM   140 C  "C3'"  . DA  A 1 7  ? 6.137   -3.248  4.104   1.00 42.14 ? 7   DA  B "C3'"  1 
ATOM   141 O  "O3'"  . DA  A 1 7  ? 5.811   -4.187  5.059   1.00 42.69 ? 7   DA  B "O3'"  1 
ATOM   142 C  "C2'"  . DA  A 1 7  ? 5.226   -3.335  2.862   1.00 42.80 ? 7   DA  B "C2'"  1 
ATOM   143 C  "C1'"  . DA  A 1 7  ? 4.504   -2.000  2.857   1.00 42.78 ? 7   DA  B "C1'"  1 
ATOM   144 N  N9     . DA  A 1 7  ? 4.429   -1.354  1.577   1.00 42.23 ? 7   DA  B N9     1 
ATOM   145 C  C8     . DA  A 1 7  ? 5.460   -0.893  0.823   1.00 42.78 ? 7   DA  B C8     1 
ATOM   146 N  N7     . DA  A 1 7  ? 5.088   -0.309  -0.286  1.00 41.73 ? 7   DA  B N7     1 
ATOM   147 C  C5     . DA  A 1 7  ? 3.721   -0.361  -0.226  1.00 42.48 ? 7   DA  B C5     1 
ATOM   148 C  C6     . DA  A 1 7  ? 2.744   0.087   -1.098  1.00 43.70 ? 7   DA  B C6     1 
ATOM   149 N  N6     . DA  A 1 7  ? 3.031   0.715   -2.234  1.00 43.55 ? 7   DA  B N6     1 
ATOM   150 N  N1     . DA  A 1 7  ? 1.458   -0.125  -0.762  1.00 44.68 ? 7   DA  B N1     1 
ATOM   151 C  C2     . DA  A 1 7  ? 1.195   -0.756  0.395   1.00 45.07 ? 7   DA  B C2     1 
ATOM   152 N  N3     . DA  A 1 7  ? 2.055   -1.242  1.303   1.00 44.14 ? 7   DA  B N3     1 
ATOM   153 C  C4     . DA  A 1 7  ? 3.302   -0.999  0.924   1.00 42.74 ? 7   DA  B C4     1 
ATOM   154 P  P      . DA  A 1 8  ? 5.634   -5.717  4.661   1.00 44.15 ? 8   DA  B P      1 
ATOM   155 O  OP1    . DA  A 1 8  ? 5.583   -6.437  5.955   1.00 41.72 ? 8   DA  B OP1    1 
ATOM   156 O  OP2    . DA  A 1 8  ? 6.608   -6.035  3.593   1.00 43.19 ? 8   DA  B OP2    1 
ATOM   157 O  "O5'"  . DA  A 1 8  ? 4.162   -5.790  4.067   1.00 42.32 ? 8   DA  B "O5'"  1 
ATOM   158 C  "C5'"  . DA  A 1 8  ? 3.091   -5.834  4.978   1.00 43.53 ? 8   DA  B "C5'"  1 
ATOM   159 C  "C4'"  . DA  A 1 8  ? 1.819   -6.128  4.256   1.00 43.73 ? 8   DA  B "C4'"  1 
ATOM   160 O  "O4'"  . DA  A 1 8  ? 1.685   -5.209  3.163   1.00 43.58 ? 8   DA  B "O4'"  1 
ATOM   161 C  "C3'"  . DA  A 1 8  ? 1.720   -7.541  3.676   1.00 43.92 ? 8   DA  B "C3'"  1 
ATOM   162 O  "O3'"  . DA  A 1 8  ? 0.493   -8.097  4.073   1.00 44.01 ? 8   DA  B "O3'"  1 
ATOM   163 C  "C2'"  . DA  A 1 8  ? 1.806   -7.348  2.161   1.00 43.34 ? 8   DA  B "C2'"  1 
ATOM   164 C  "C1'"  . DA  A 1 8  ? 1.354   -5.905  1.981   1.00 44.27 ? 8   DA  B "C1'"  1 
ATOM   165 N  N9     . DA  A 1 8  ? 2.021   -5.212  0.909   1.00 43.65 ? 8   DA  B N9     1 
ATOM   166 C  C8     . DA  A 1 8  ? 3.370   -4.977  0.787   1.00 43.72 ? 8   DA  B C8     1 
ATOM   167 N  N7     . DA  A 1 8  ? 3.690   -4.282  -0.272  1.00 43.74 ? 8   DA  B N7     1 
ATOM   168 C  C5     . DA  A 1 8  ? 2.462   -4.016  -0.861  1.00 44.05 ? 8   DA  B C5     1 
ATOM   169 C  C6     . DA  A 1 8  ? 2.119   -3.319  -2.007  1.00 45.09 ? 8   DA  B C6     1 
ATOM   170 N  N6     . DA  A 1 8  ? 3.023   -2.733  -2.788  1.00 42.68 ? 8   DA  B N6     1 
ATOM   171 N  N1     . DA  A 1 8  ? 0.792   -3.241  -2.323  1.00 46.70 ? 8   DA  B N1     1 
ATOM   172 C  C2     . DA  A 1 8  ? -0.100  -3.837  -1.505  1.00 46.22 ? 8   DA  B C2     1 
ATOM   173 N  N3     . DA  A 1 8  ? 0.122   -4.531  -0.387  1.00 44.61 ? 8   DA  B N3     1 
ATOM   174 C  C4     . DA  A 1 8  ? 1.427   -4.579  -0.128  1.00 43.60 ? 8   DA  B C4     1 
ATOM   175 P  P      . DA  A 1 9  ? 0.155   -9.636  3.779   1.00 43.70 ? 9   DA  B P      1 
ATOM   176 O  OP1    . DA  A 1 9  ? -0.504  -10.140 5.008   1.00 42.50 ? 9   DA  B OP1    1 
ATOM   177 O  OP2    . DA  A 1 9  ? 1.319   -10.311 3.177   1.00 43.81 ? 9   DA  B OP2    1 
ATOM   178 O  "O5'"  . DA  A 1 9  ? -0.990  -9.497  2.709   1.00 44.19 ? 9   DA  B "O5'"  1 
ATOM   179 C  "C5'"  . DA  A 1 9  ? -1.913  -8.435  2.881   1.00 45.10 ? 9   DA  B "C5'"  1 
ATOM   180 C  "C4'"  . DA  A 1 9  ? -2.931  -8.491  1.791   1.00 46.18 ? 9   DA  B "C4'"  1 
ATOM   181 O  "O4'"  . DA  A 1 9  ? -2.435  -7.786  0.629   1.00 45.27 ? 9   DA  B "O4'"  1 
ATOM   182 C  "C3'"  . DA  A 1 9  ? -3.232  -9.902  1.330   1.00 45.93 ? 9   DA  B "C3'"  1 
ATOM   183 O  "O3'"  . DA  A 1 9  ? -4.571  -10.007 1.000   1.00 46.35 ? 9   DA  B "O3'"  1 
ATOM   184 C  "C2'"  . DA  A 1 9  ? -2.326  -10.088 0.105   1.00 45.98 ? 9   DA  B "C2'"  1 
ATOM   185 C  "C1'"  . DA  A 1 9  ? -2.288  -8.678  -0.466  1.00 46.06 ? 9   DA  B "C1'"  1 
ATOM   186 N  N9     . DA  A 1 9  ? -1.036  -8.332  -1.086  1.00 45.00 ? 9   DA  B N9     1 
ATOM   187 C  C8     . DA  A 1 9  ? 0.210   -8.784  -0.747  1.00 45.82 ? 9   DA  B C8     1 
ATOM   188 N  N7     . DA  A 1 9  ? 1.175   -8.248  -1.450  1.00 45.20 ? 9   DA  B N7     1 
ATOM   189 C  C5     . DA  A 1 9  ? 0.504   -7.375  -2.283  1.00 44.83 ? 9   DA  B C5     1 
ATOM   190 C  C6     . DA  A 1 9  ? 0.955   -6.496  -3.255  1.00 44.79 ? 9   DA  B C6     1 
ATOM   191 N  N6     . DA  A 1 9  ? 2.237   -6.377  -3.575  1.00 44.09 ? 9   DA  B N6     1 
ATOM   192 N  N1     . DA  A 1 9  ? 0.033   -5.768  -3.912  1.00 45.29 ? 9   DA  B N1     1 
ATOM   193 C  C2     . DA  A 1 9  ? -1.264  -5.912  -3.587  1.00 46.19 ? 9   DA  B C2     1 
ATOM   194 N  N3     . DA  A 1 9  ? -1.812  -6.705  -2.672  1.00 44.75 ? 9   DA  B N3     1 
ATOM   195 C  C4     . DA  A 1 9  ? -0.858  -7.413  -2.051  1.00 44.57 ? 9   DA  B C4     1 
ATOM   196 P  P      . DG  A 1 10 ? -5.155  -11.457 0.667   1.00 46.07 ? 10  DG  B P      1 
ATOM   197 O  OP1    . DG  A 1 10 ? -6.185  -11.679 1.706   1.00 44.61 ? 10  DG  B OP1    1 
ATOM   198 O  OP2    . DG  A 1 10 ? -4.032  -12.407 0.497   1.00 46.70 ? 10  DG  B OP2    1 
ATOM   199 O  "O5'"  . DG  A 1 10 ? -5.737  -11.315 -0.824  1.00 46.41 ? 10  DG  B "O5'"  1 
ATOM   200 C  "C5'"  . DG  A 1 10 ? -6.068  -10.059 -1.378  1.00 45.45 ? 10  DG  B "C5'"  1 
ATOM   201 C  "C4'"  . DG  A 1 10 ? -5.980  -10.124 -2.893  1.00 46.69 ? 10  DG  B "C4'"  1 
ATOM   202 O  "O4'"  . DG  A 1 10 ? -4.664  -9.624  -3.328  1.00 44.80 ? 10  DG  B "O4'"  1 
ATOM   203 C  "C3'"  . DG  A 1 10 ? -6.064  -11.539 -3.488  1.00 45.81 ? 10  DG  B "C3'"  1 
ATOM   204 O  "O3'"  . DG  A 1 10 ? -6.576  -11.511 -4.827  1.00 46.00 ? 10  DG  B "O3'"  1 
ATOM   205 C  "C2'"  . DG  A 1 10 ? -4.599  -11.929 -3.485  1.00 45.32 ? 10  DG  B "C2'"  1 
ATOM   206 C  "C1'"  . DG  A 1 10 ? -4.029  -10.653 -4.063  1.00 44.71 ? 10  DG  B "C1'"  1 
ATOM   207 N  N9     . DG  A 1 10 ? -2.569  -10.515 -3.996  1.00 45.67 ? 10  DG  B N9     1 
ATOM   208 C  C8     . DG  A 1 10 ? -1.691  -11.142 -3.141  1.00 44.11 ? 10  DG  B C8     1 
ATOM   209 N  N7     . DG  A 1 10 ? -0.436  -10.829 -3.364  1.00 44.86 ? 10  DG  B N7     1 
ATOM   210 C  C5     . DG  A 1 10 ? -0.493  -9.949  -4.439  1.00 44.73 ? 10  DG  B C5     1 
ATOM   211 C  C6     . DG  A 1 10 ? 0.545   -9.271  -5.124  1.00 44.43 ? 10  DG  B C6     1 
ATOM   212 O  O6     . DG  A 1 10 ? 1.772   -9.311  -4.904  1.00 44.77 ? 10  DG  B O6     1 
ATOM   213 N  N1     . DG  A 1 10 ? 0.043   -8.475  -6.161  1.00 43.92 ? 10  DG  B N1     1 
ATOM   214 C  C2     . DG  A 1 10 ? -1.292  -8.359  -6.479  1.00 43.39 ? 10  DG  B C2     1 
ATOM   215 N  N2     . DG  A 1 10 ? -1.595  -7.548  -7.491  1.00 44.92 ? 10  DG  B N2     1 
ATOM   216 N  N3     . DG  A 1 10 ? -2.265  -8.980  -5.835  1.00 43.26 ? 10  DG  B N3     1 
ATOM   217 C  C4     . DG  A 1 10 ? -1.798  -9.749  -4.835  1.00 44.58 ? 10  DG  B C4     1 
ATOM   218 H  "H5'"  . DG  A 1 10 ? -5.452  -9.387  -1.047  1.00 55.59 ? 10  DG  B "H5'"  1 
ATOM   219 H  "H5''" . DG  A 1 10 ? -6.970  -9.817  -1.117  1.00 55.59 ? 10  DG  B "H5''" 1 
ATOM   220 H  "H4'"  . DG  A 1 10 ? -6.683  -9.571  -3.268  1.00 57.08 ? 10  DG  B "H4'"  1 
ATOM   221 H  "H3'"  . DG  A 1 10 ? -6.611  -12.118 -2.933  1.00 56.02 ? 10  DG  B "H3'"  1 
ATOM   222 H  "H2'"  . DG  A 1 10 ? -4.268  -12.108 -2.591  1.00 55.44 ? 10  DG  B "H2'"  1 
ATOM   223 H  "H2''" . DG  A 1 10 ? -4.422  -12.698 -4.047  1.00 55.44 ? 10  DG  B "H2''" 1 
ATOM   224 H  "H1'"  . DG  A 1 10 ? -4.255  -10.581 -5.003  1.00 54.70 ? 10  DG  B "H1'"  1 
ATOM   225 H  H8     . DG  A 1 10 ? -1.960  -11.730 -2.471  1.00 53.99 ? 10  DG  B H8     1 
ATOM   226 H  H1     . DG  A 1 10 ? 0.608   -8.030  -6.633  1.00 53.75 ? 10  DG  B H1     1 
ATOM   227 H  H21    . DG  A 1 10 ? -2.417  -7.433  -7.719  1.00 54.96 ? 10  DG  B H21    1 
ATOM   228 H  H22    . DG  A 1 10 ? -0.970  -7.138  -7.916  1.00 54.96 ? 10  DG  B H22    1 
ATOM   229 P  P      . DC  A 1 11 ? -8.028  -12.093 -5.207  1.00 46.60 ? 11  DC  B P      1 
ATOM   230 O  OP1    . DC  A 1 11 ? -8.938  -11.701 -4.102  1.00 45.89 ? 11  DC  B OP1    1 
ATOM   231 O  OP2    . DC  A 1 11 ? -7.859  -13.514 -5.596  1.00 43.89 ? 11  DC  B OP2    1 
ATOM   232 O  "O5'"  . DC  A 1 11 ? -8.405  -11.219 -6.492  1.00 46.46 ? 11  DC  B "O5'"  1 
ATOM   233 C  "C5'"  . DC  A 1 11 ? -8.501  -9.791  -6.338  1.00 46.96 ? 11  DC  B "C5'"  1 
ATOM   234 C  "C4'"  . DC  A 1 11 ? -7.876  -9.026  -7.512  1.00 48.62 ? 11  DC  B "C4'"  1 
ATOM   235 O  "O4'"  . DC  A 1 11 ? -6.419  -9.119  -7.470  1.00 47.66 ? 11  DC  B "O4'"  1 
ATOM   236 C  "C3'"  . DC  A 1 11 ? -8.267  -9.510  -8.901  1.00 49.74 ? 11  DC  B "C3'"  1 
ATOM   237 O  "O3'"  . DC  A 1 11 ? -8.402  -8.390  -9.767  1.00 51.32 ? 11  DC  B "O3'"  1 
ATOM   238 C  "C2'"  . DC  A 1 11 ? -7.101  -10.417 -9.292  1.00 48.80 ? 11  DC  B "C2'"  1 
ATOM   239 C  "C1'"  . DC  A 1 11 ? -5.922  -9.658  -8.692  1.00 46.60 ? 11  DC  B "C1'"  1 
ATOM   240 N  N1     . DC  A 1 11 ? -4.715  -10.475 -8.352  1.00 45.21 ? 11  DC  B N1     1 
ATOM   241 C  C2     . DC  A 1 11 ? -3.413  -10.085 -8.805  1.00 43.87 ? 11  DC  B C2     1 
ATOM   242 O  O2     . DC  A 1 11 ? -3.286  -9.100  -9.553  1.00 44.58 ? 11  DC  B O2     1 
ATOM   243 N  N3     . DC  A 1 11 ? -2.342  -10.823 -8.427  1.00 43.34 ? 11  DC  B N3     1 
ATOM   244 C  C4     . DC  A 1 11 ? -2.512  -11.875 -7.631  1.00 43.31 ? 11  DC  B C4     1 
ATOM   245 N  N4     . DC  A 1 11 ? -1.437  -12.579 -7.282  1.00 44.56 ? 11  DC  B N4     1 
ATOM   246 C  C5     . DC  A 1 11 ? -3.802  -12.269 -7.156  1.00 44.85 ? 11  DC  B C5     1 
ATOM   247 C  C6     . DC  A 1 11 ? -4.857  -11.540 -7.525  1.00 44.70 ? 11  DC  B C6     1 
ATOM   248 H  "H5'"  . DC  A 1 11 ? -8.049  -9.533  -5.521  1.00 57.40 ? 11  DC  B "H5'"  1 
ATOM   249 H  "H5''" . DC  A 1 11 ? -9.438  -9.547  -6.270  1.00 57.40 ? 11  DC  B "H5''" 1 
ATOM   250 H  "H4'"  . DC  A 1 11 ? -8.127  -8.094  -7.421  1.00 59.39 ? 11  DC  B "H4'"  1 
ATOM   251 H  "H3'"  . DC  A 1 11 ? -9.086  -10.029 -8.877  1.00 60.73 ? 11  DC  B "H3'"  1 
ATOM   252 H  "H2'"  . DC  A 1 11 ? -7.190  -11.302 -8.905  1.00 59.62 ? 11  DC  B "H2'"  1 
ATOM   253 H  "H2''" . DC  A 1 11 ? -7.019  -10.500 -10.255 1.00 59.62 ? 11  DC  B "H2''" 1 
ATOM   254 H  "H1'"  . DC  A 1 11 ? -5.653  -8.969  -9.319  1.00 56.97 ? 11  DC  B "H1'"  1 
ATOM   255 H  H41    . DC  A 1 11 ? -1.520  -13.264 -6.768  1.00 54.52 ? 11  DC  B H41    1 
ATOM   256 H  H42    . DC  A 1 11 ? -0.660  -12.348 -7.569  1.00 54.52 ? 11  DC  B H42    1 
ATOM   257 H  H5     . DC  A 1 11 ? -3.904  -13.012 -6.605  1.00 54.86 ? 11  DC  B H5     1 
ATOM   258 H  H6     . DC  A 1 11 ? -5.702  -11.766 -7.210  1.00 54.69 ? 11  DC  B H6     1 
ATOM   259 P  P      . DG  A 1 12 ? -9.278  -8.495  -11.105 1.00 59.18 ? 12  DG  B P      1 
ATOM   260 O  OP1    . DG  A 1 12 ? -9.800  -7.121  -11.385 1.00 52.76 ? 12  DG  B OP1    1 
ATOM   261 O  OP2    . DG  A 1 12 ? -10.200 -9.658  -10.948 1.00 53.30 ? 12  DG  B OP2    1 
ATOM   262 O  "O5'"  . DG  A 1 12 ? -8.201  -8.905  -12.235 1.00 51.03 ? 12  DG  B "O5'"  1 
ATOM   263 C  "C5'"  . DG  A 1 12 ? -7.213  -7.948  -12.690 1.00 54.10 ? 12  DG  B "C5'"  1 
ATOM   264 C  "C4'"  . DG  A 1 12 ? -6.240  -8.598  -13.662 1.00 50.05 ? 12  DG  B "C4'"  1 
ATOM   265 O  "O4'"  . DG  A 1 12 ? -5.275  -9.383  -12.924 1.00 48.43 ? 12  DG  B "O4'"  1 
ATOM   266 C  "C3'"  . DG  A 1 12 ? -6.882  -9.562  -14.675 1.00 50.78 ? 12  DG  B "C3'"  1 
ATOM   267 O  "O3'"  . DG  A 1 12 ? -6.546  -9.195  -16.004 1.00 50.30 ? 12  DG  B "O3'"  1 
ATOM   268 C  "C2'"  . DG  A 1 12 ? -6.321  -10.938 -14.305 1.00 49.13 ? 12  DG  B "C2'"  1 
ATOM   269 C  "C1'"  . DG  A 1 12 ? -5.018  -10.585 -13.616 1.00 47.83 ? 12  DG  B "C1'"  1 
ATOM   270 N  N9     . DG  A 1 12 ? -4.567  -11.557 -12.646 1.00 46.43 ? 12  DG  B N9     1 
ATOM   271 C  C8     . DG  A 1 12 ? -5.348  -12.289 -11.794 1.00 46.03 ? 12  DG  B C8     1 
ATOM   272 N  N7     . DG  A 1 12 ? -4.667  -13.051 -11.006 1.00 45.12 ? 12  DG  B N7     1 
ATOM   273 C  C5     . DG  A 1 12 ? -3.352  -12.799 -11.332 1.00 45.61 ? 12  DG  B C5     1 
ATOM   274 C  C6     . DG  A 1 12 ? -2.164  -13.338 -10.788 1.00 45.65 ? 12  DG  B C6     1 
ATOM   275 O  O6     . DG  A 1 12 ? -2.054  -14.187 -9.882  1.00 43.88 ? 12  DG  B O6     1 
ATOM   276 N  N1     . DG  A 1 12 ? -1.019  -12.801 -11.404 1.00 44.58 ? 12  DG  B N1     1 
ATOM   277 C  C2     . DG  A 1 12 ? -1.039  -11.863 -12.418 1.00 43.75 ? 12  DG  B C2     1 
ATOM   278 N  N2     . DG  A 1 12 ? 0.159   -11.471 -12.898 1.00 43.03 ? 12  DG  B N2     1 
ATOM   279 N  N3     . DG  A 1 12 ? -2.157  -11.351 -12.932 1.00 44.39 ? 12  DG  B N3     1 
ATOM   280 C  C4     . DG  A 1 12 ? -3.269  -11.865 -12.336 1.00 45.32 ? 12  DG  B C4     1 
ATOM   281 H  "H5'"  . DG  A 1 12 ? -6.723  -7.607  -11.926 1.00 65.97 ? 12  DG  B "H5'"  1 
ATOM   282 H  "H5''" . DG  A 1 12 ? -7.663  -7.211  -13.132 1.00 65.97 ? 12  DG  B "H5''" 1 
ATOM   283 H  "H4'"  . DG  A 1 12 ? -5.767  -7.905  -14.149 1.00 61.11 ? 12  DG  B "H4'"  1 
ATOM   284 H  "H3'"  . DG  A 1 12 ? -7.844  -9.561  -14.549 1.00 61.98 ? 12  DG  B "H3'"  1 
ATOM   285 H  "HO3'" . DG  A 1 12 ? -7.151  -9.092  -16.578 1.00 61.40 ? 12  DG  B "HO3'" 1 
ATOM   286 H  "H2'"  . DG  A 1 12 ? -6.918  -11.414 -13.707 1.00 60.00 ? 12  DG  B "H2'"  1 
ATOM   287 H  "H2''" . DG  A 1 12 ? -6.166  -11.481 -15.094 1.00 60.00 ? 12  DG  B "H2''" 1 
ATOM   288 H  "H1'"  . DG  A 1 12 ? -4.329  -10.463 -14.286 1.00 58.45 ? 12  DG  B "H1'"  1 
ATOM   289 H  H8     . DG  A 1 12 ? -6.276  -12.242 -11.785 1.00 56.29 ? 12  DG  B H8     1 
ATOM   290 H  H1     . DG  A 1 12 ? -0.252  -13.077 -11.130 1.00 54.54 ? 12  DG  B H1     1 
ATOM   291 H  H21    . DG  A 1 12 ? 0.199   -10.893 -13.533 1.00 52.69 ? 12  DG  B H21    1 
ATOM   292 H  H22    . DG  A 1 12 ? 0.882   -11.799 -12.568 1.00 52.69 ? 12  DG  B H22    1 
ATOM   293 O  "O5'"  . DC  B 2 1  ? 7.715   -15.709 -9.671  1.00 51.90 ? 13  DC  C "O5'"  1 
ATOM   294 C  "C5'"  . DC  B 2 1  ? 7.873   -15.642 -11.083 1.00 50.27 ? 13  DC  C "C5'"  1 
ATOM   295 C  "C4'"  . DC  B 2 1  ? 7.211   -14.400 -11.625 1.00 50.17 ? 13  DC  C "C4'"  1 
ATOM   296 O  "O4'"  . DC  B 2 1  ? 5.760   -14.582 -11.629 1.00 48.17 ? 13  DC  C "O4'"  1 
ATOM   297 C  "C3'"  . DC  B 2 1  ? 7.475   -13.123 -10.816 1.00 49.86 ? 13  DC  C "C3'"  1 
ATOM   298 O  "O3'"  . DC  B 2 1  ? 7.756   -12.062 -11.674 1.00 50.65 ? 13  DC  C "O3'"  1 
ATOM   299 C  "C2'"  . DC  B 2 1  ? 6.180   -12.896 -10.079 1.00 49.41 ? 13  DC  C "C2'"  1 
ATOM   300 C  "C1'"  . DC  B 2 1  ? 5.166   -13.435 -11.077 1.00 48.92 ? 13  DC  C "C1'"  1 
ATOM   301 N  N1     . DC  B 2 1  ? 3.897   -13.788 -10.465 1.00 48.35 ? 13  DC  C N1     1 
ATOM   302 C  C2     . DC  B 2 1  ? 2.755   -13.052 -10.776 1.00 46.35 ? 13  DC  C C2     1 
ATOM   303 O  O2     . DC  B 2 1  ? 2.833   -12.135 -11.589 1.00 45.46 ? 13  DC  C O2     1 
ATOM   304 N  N3     . DC  B 2 1  ? 1.596   -13.378 -10.192 1.00 46.41 ? 13  DC  C N3     1 
ATOM   305 C  C4     . DC  B 2 1  ? 1.550   -14.381 -9.320  1.00 47.88 ? 13  DC  C C4     1 
ATOM   306 N  N4     . DC  B 2 1  ? 0.377   -14.655 -8.757  1.00 47.78 ? 13  DC  C N4     1 
ATOM   307 C  C5     . DC  B 2 1  ? 2.706   -15.143 -8.981  1.00 50.02 ? 13  DC  C C5     1 
ATOM   308 C  C6     . DC  B 2 1  ? 3.847   -14.815 -9.577  1.00 49.49 ? 13  DC  C C6     1 
ATOM   309 H  "H5'"  . DC  B 2 1  ? 7.471   -16.425 -11.491 1.00 61.38 ? 13  DC  C "H5'"  1 
ATOM   310 H  "H5''" . DC  B 2 1  ? 8.818   -15.623 -11.300 1.00 61.38 ? 13  DC  C "H5''" 1 
ATOM   311 H  "H4'"  . DC  B 2 1  ? 7.503   -14.257 -12.538 1.00 61.26 ? 13  DC  C "H4'"  1 
ATOM   312 H  "H3'"  . DC  B 2 1  ? 8.199   -13.275 -10.188 1.00 60.89 ? 13  DC  C "H3'"  1 
ATOM   313 H  "H2'"  . DC  B 2 1  ? 6.154   -13.387 -9.243  1.00 60.34 ? 13  DC  C "H2'"  1 
ATOM   314 H  "H2''" . DC  B 2 1  ? 6.035   -11.954 -9.895  1.00 60.34 ? 13  DC  C "H2''" 1 
ATOM   315 H  "H1'"  . DC  B 2 1  ? 5.001   -12.790 -11.782 1.00 59.75 ? 13  DC  C "H1'"  1 
ATOM   316 H  H41    . DC  B 2 1  ? 0.313   -15.297 -8.188  1.00 58.38 ? 13  DC  C H41    1 
ATOM   317 H  H42    . DC  B 2 1  ? -0.317  -14.192 -8.961  1.00 58.38 ? 13  DC  C H42    1 
ATOM   318 H  H5     . DC  B 2 1  ? 2.663   -15.842 -8.368  1.00 61.07 ? 13  DC  C H5     1 
ATOM   319 H  H6     . DC  B 2 1  ? 4.620   -15.294 -9.384  1.00 60.44 ? 13  DC  C H6     1 
ATOM   320 H  "HO5'" . DC  B 2 1  ? 6.945   -15.653 -9.338  1.00 63.33 ? 13  DC  C "HO5'" 1 
ATOM   321 P  P      . DG  B 2 2  ? 8.654   -10.819 -11.195 1.00 53.71 ? 14  DG  C P      1 
ATOM   322 O  OP1    . DG  B 2 2  ? 10.000  -11.111 -11.741 1.00 49.87 ? 14  DG  C OP1    1 
ATOM   323 O  OP2    . DG  B 2 2  ? 8.444   -10.586 -9.738  1.00 49.67 ? 14  DG  C OP2    1 
ATOM   324 O  "O5'"  . DG  B 2 2  ? 8.004   -9.568  -11.961 1.00 48.88 ? 14  DG  C "O5'"  1 
ATOM   325 C  "C5'"  . DG  B 2 2  ? 7.338   -9.752  -13.214 1.00 47.99 ? 14  DG  C "C5'"  1 
ATOM   326 C  "C4'"  . DG  B 2 2  ? 6.150   -8.810  -13.337 1.00 46.73 ? 14  DG  C "C4'"  1 
ATOM   327 O  "O4'"  . DG  B 2 2  ? 4.958   -9.381  -12.701 1.00 46.42 ? 14  DG  C "O4'"  1 
ATOM   328 C  "C3'"  . DG  B 2 2  ? 6.381   -7.454  -12.691 1.00 45.82 ? 14  DG  C "C3'"  1 
ATOM   329 O  "O3'"  . DG  B 2 2  ? 6.088   -6.417  -13.597 1.00 46.37 ? 14  DG  C "O3'"  1 
ATOM   330 C  "C2'"  . DG  B 2 2  ? 5.468   -7.440  -11.484 1.00 45.68 ? 14  DG  C "C2'"  1 
ATOM   331 C  "C1'"  . DG  B 2 2  ? 4.352   -8.421  -11.853 1.00 45.91 ? 14  DG  C "C1'"  1 
ATOM   332 N  N9     . DG  B 2 2  ? 3.760   -9.116  -10.683 1.00 45.76 ? 14  DG  C N9     1 
ATOM   333 C  C8     . DG  B 2 2  ? 4.448   -9.738  -9.669  1.00 46.16 ? 14  DG  C C8     1 
ATOM   334 N  N7     . DG  B 2 2  ? 3.678   -10.279 -8.763  1.00 44.87 ? 14  DG  C N7     1 
ATOM   335 C  C5     . DG  B 2 2  ? 2.395   -10.013 -9.195  1.00 45.16 ? 14  DG  C C5     1 
ATOM   336 C  C6     . DG  B 2 2  ? 1.156   -10.359 -8.598  1.00 44.22 ? 14  DG  C C6     1 
ATOM   337 O  O6     . DG  B 2 2  ? 0.970   -10.995 -7.548  1.00 43.55 ? 14  DG  C O6     1 
ATOM   338 N  N1     . DG  B 2 2  ? 0.075   -9.890  -9.345  1.00 43.96 ? 14  DG  C N1     1 
ATOM   339 C  C2     . DG  B 2 2  ? 0.187   -9.176  -10.523 1.00 44.78 ? 14  DG  C C2     1 
ATOM   340 N  N2     . DG  B 2 2  ? -0.961  -8.804  -11.100 1.00 43.65 ? 14  DG  C N2     1 
ATOM   341 N  N3     . DG  B 2 2  ? 1.356   -8.849  -11.101 1.00 43.99 ? 14  DG  C N3     1 
ATOM   342 C  C4     . DG  B 2 2  ? 2.411   -9.294  -10.378 1.00 45.01 ? 14  DG  C C4     1 
ATOM   343 H  "H5'"  . DG  B 2 2  ? 7.028   -10.669 -13.279 1.00 58.64 ? 14  DG  C "H5'"  1 
ATOM   344 H  "H5''" . DG  B 2 2  ? 7.961   -9.578  -13.937 1.00 58.64 ? 14  DG  C "H5''" 1 
ATOM   345 H  "H4'"  . DG  B 2 2  ? 5.929   -8.692  -14.274 1.00 57.12 ? 14  DG  C "H4'"  1 
ATOM   346 H  "H3'"  . DG  B 2 2  ? 7.301   -7.399  -12.390 1.00 56.04 ? 14  DG  C "H3'"  1 
ATOM   347 H  "H2'"  . DG  B 2 2  ? 5.940   -7.734  -10.690 1.00 55.86 ? 14  DG  C "H2'"  1 
ATOM   348 H  "H2''" . DG  B 2 2  ? 5.112   -6.551  -11.330 1.00 55.86 ? 14  DG  C "H2''" 1 
ATOM   349 H  "H1'"  . DG  B 2 2  ? 3.646   -7.960  -12.332 1.00 56.14 ? 14  DG  C "H1'"  1 
ATOM   350 H  H8     . DG  B 2 2  ? 5.376   -9.769  -9.630  1.00 56.44 ? 14  DG  C H8     1 
ATOM   351 H  H1     . DG  B 2 2  ? -0.716  -10.057 -9.051  1.00 53.81 ? 14  DG  C H1     1 
ATOM   352 H  H21    . DG  B 2 2  ? -0.948  -8.358  -11.835 1.00 53.42 ? 14  DG  C H21    1 
ATOM   353 H  H22    . DG  B 2 2  ? -1.711  -9.010  -10.736 1.00 53.42 ? 14  DG  C H22    1 
ATOM   354 P  P      . DC  B 2 3  ? 6.395   -4.887  -13.192 1.00 46.12 ? 15  DC  C P      1 
ATOM   355 O  OP1    . DC  B 2 3  ? 6.726   -4.192  -14.457 1.00 46.79 ? 15  DC  C OP1    1 
ATOM   356 O  OP2    . DC  B 2 3  ? 7.302   -4.836  -12.010 1.00 45.25 ? 15  DC  C OP2    1 
ATOM   357 O  "O5'"  . DC  B 2 3  ? 4.961   -4.385  -12.719 1.00 45.16 ? 15  DC  C "O5'"  1 
ATOM   358 C  "C5'"  . DC  B 2 3  ? 3.884   -4.340  -13.668 1.00 44.67 ? 15  DC  C "C5'"  1 
ATOM   359 C  "C4'"  . DC  B 2 3  ? 2.534   -4.241  -12.964 1.00 44.88 ? 15  DC  C "C4'"  1 
ATOM   360 O  "O4'"  . DC  B 2 3  ? 2.386   -5.353  -12.073 1.00 44.63 ? 15  DC  C "O4'"  1 
ATOM   361 C  "C3'"  . DC  B 2 3  ? 2.369   -3.009  -12.091 1.00 44.03 ? 15  DC  C "C3'"  1 
ATOM   362 O  "O3'"  . DC  B 2 3  ? 1.772   -1.987  -12.800 1.00 44.47 ? 15  DC  C "O3'"  1 
ATOM   363 C  "C2'"  . DC  B 2 3  ? 1.486   -3.463  -10.944 1.00 44.98 ? 15  DC  C "C2'"  1 
ATOM   364 C  "C1'"  . DC  B 2 3  ? 1.550   -4.992  -10.996 1.00 44.70 ? 15  DC  C "C1'"  1 
ATOM   365 N  N1     . DC  B 2 3  ? 2.111   -5.613  -9.789  1.00 44.49 ? 15  DC  C N1     1 
ATOM   366 C  C2     . DC  B 2 3  ? 1.257   -6.189  -8.846  1.00 44.58 ? 15  DC  C C2     1 
ATOM   367 O  O2     . DC  B 2 3  ? 0.042   -6.128  -9.020  1.00 44.27 ? 15  DC  C O2     1 
ATOM   368 N  N3     . DC  B 2 3  ? 1.790   -6.790  -7.768  1.00 44.46 ? 15  DC  C N3     1 
ATOM   369 C  C4     . DC  B 2 3  ? 3.112   -6.818  -7.618  1.00 44.19 ? 15  DC  C C4     1 
ATOM   370 N  N4     . DC  B 2 3  ? 3.600   -7.421  -6.545  1.00 44.36 ? 15  DC  C N4     1 
ATOM   371 C  C5     . DC  B 2 3  ? 3.997   -6.254  -8.577  1.00 45.02 ? 15  DC  C C5     1 
ATOM   372 C  C6     . DC  B 2 3  ? 3.455   -5.673  -9.641  1.00 44.19 ? 15  DC  C C6     1 
ATOM   373 H  "H5'"  . DC  B 2 3  ? 3.903   -5.145  -14.209 1.00 54.65 ? 15  DC  C "H5'"  1 
ATOM   374 H  "H5''" . DC  B 2 3  ? 4.000   -3.569  -14.246 1.00 54.65 ? 15  DC  C "H5''" 1 
ATOM   375 H  "H4'"  . DC  B 2 3  ? 1.825   -4.264  -13.625 1.00 54.90 ? 15  DC  C "H4'"  1 
ATOM   376 H  "H3'"  . DC  B 2 3  ? 3.240   -2.748  -11.754 1.00 53.89 ? 15  DC  C "H3'"  1 
ATOM   377 H  "H2'"  . DC  B 2 3  ? 1.823   -3.132  -10.097 1.00 55.02 ? 15  DC  C "H2'"  1 
ATOM   378 H  "H2''" . DC  B 2 3  ? 0.576   -3.151  -11.065 1.00 55.02 ? 15  DC  C "H2''" 1 
ATOM   379 H  "H1'"  . DC  B 2 3  ? 0.650   -5.317  -11.157 1.00 54.69 ? 15  DC  C "H1'"  1 
ATOM   380 H  H41    . DC  B 2 3  ? 4.449   -7.457  -6.419  1.00 54.28 ? 15  DC  C H41    1 
ATOM   381 H  H42    . DC  B 2 3  ? 3.065   -7.778  -5.972  1.00 54.28 ? 15  DC  C H42    1 
ATOM   382 H  H5     . DC  B 2 3  ? 4.920   -6.291  -8.464  1.00 55.07 ? 15  DC  C H5     1 
ATOM   383 H  H6     . DC  B 2 3  ? 4.006   -5.303  -10.293 1.00 54.08 ? 15  DC  C H6     1 
ATOM   384 P  P      . DT  B 2 4  ? 1.770   -0.509  -12.186 1.00 45.12 ? 16  DT  C P      1 
ATOM   385 O  OP1    . DT  B 2 4  ? 1.817   0.340   -13.400 1.00 46.09 ? 16  DT  C OP1    1 
ATOM   386 O  OP2    . DT  B 2 4  ? 2.796   -0.389  -11.099 1.00 42.85 ? 16  DT  C OP2    1 
ATOM   387 O  "O5'"  . DT  B 2 4  ? 0.363   -0.406  -11.452 1.00 45.03 ? 16  DT  C "O5'"  1 
ATOM   388 C  "C5'"  . DT  B 2 4  ? -0.812  -0.742  -12.138 1.00 45.58 ? 16  DT  C "C5'"  1 
ATOM   389 C  "C4'"  . DT  B 2 4  ? -1.951  -0.955  -11.160 1.00 46.10 ? 16  DT  C "C4'"  1 
ATOM   390 O  "O4'"  . DT  B 2 4  ? -1.613  -2.013  -10.228 1.00 45.30 ? 16  DT  C "O4'"  1 
ATOM   391 C  "C3'"  . DT  B 2 4  ? -2.330  0.258   -10.310 1.00 46.26 ? 16  DT  C "C3'"  1 
ATOM   392 O  "O3'"  . DT  B 2 4  ? -3.756  0.266   -10.194 1.00 46.77 ? 16  DT  C "O3'"  1 
ATOM   393 C  "C2'"  . DT  B 2 4  ? -1.631  -0.037  -8.974  1.00 46.38 ? 16  DT  C "C2'"  1 
ATOM   394 C  "C1'"  . DT  B 2 4  ? -1.791  -1.555  -8.900  1.00 46.53 ? 16  DT  C "C1'"  1 
ATOM   395 N  N1     . DT  B 2 4  ? -0.790  -2.277  -8.032  1.00 45.93 ? 16  DT  C N1     1 
ATOM   396 C  C2     . DT  B 2 4  ? -1.210  -3.321  -7.223  1.00 46.01 ? 16  DT  C C2     1 
ATOM   397 O  O2     . DT  B 2 4  ? -2.353  -3.674  -7.127  1.00 46.09 ? 16  DT  C O2     1 
ATOM   398 N  N3     . DT  B 2 4  ? -0.236  -3.915  -6.499  1.00 45.85 ? 16  DT  C N3     1 
ATOM   399 C  C4     . DT  B 2 4  ? 1.096   -3.625  -6.518  1.00 45.50 ? 16  DT  C C4     1 
ATOM   400 O  O4     . DT  B 2 4  ? 1.892   -4.251  -5.822  1.00 46.78 ? 16  DT  C O4     1 
ATOM   401 C  C5     . DT  B 2 4  ? 1.487   -2.533  -7.396  1.00 45.06 ? 16  DT  C C5     1 
ATOM   402 C  C7     . DT  B 2 4  ? 2.933   -2.099  -7.503  1.00 45.24 ? 16  DT  C C7     1 
ATOM   403 C  C6     . DT  B 2 4  ? 0.530   -1.930  -8.105  1.00 45.12 ? 16  DT  C C6     1 
ATOM   404 P  P      . DT  B 2 5  ? -4.542  1.352   -9.307  1.00 48.58 ? 17  DT  C P      1 
ATOM   405 O  OP1    . DT  B 2 5  ? -5.799  1.664   -10.036 1.00 46.50 ? 17  DT  C OP1    1 
ATOM   406 O  OP2    . DT  B 2 5  ? -3.597  2.409   -8.838  1.00 46.58 ? 17  DT  C OP2    1 
ATOM   407 O  "O5'"  . DT  B 2 5  ? -4.997  0.504   -8.051  1.00 46.53 ? 17  DT  C "O5'"  1 
ATOM   408 C  "C5'"  . DT  B 2 5  ? -5.617  -0.719  -8.265  1.00 46.38 ? 17  DT  C "C5'"  1 
ATOM   409 C  "C4'"  . DT  B 2 5  ? -5.851  -1.387  -6.944  1.00 46.76 ? 17  DT  C "C4'"  1 
ATOM   410 O  "O4'"  . DT  B 2 5  ? -4.590  -1.875  -6.426  1.00 45.46 ? 17  DT  C "O4'"  1 
ATOM   411 C  "C3'"  . DT  B 2 5  ? -6.462  -0.478  -5.892  1.00 46.27 ? 17  DT  C "C3'"  1 
ATOM   412 O  "O3'"  . DT  B 2 5  ? -7.769  -1.022  -5.540  1.00 46.75 ? 17  DT  C "O3'"  1 
ATOM   413 C  "C2'"  . DT  B 2 5  ? -5.431  -0.463  -4.725  1.00 45.95 ? 17  DT  C "C2'"  1 
ATOM   414 C  "C1'"  . DT  B 2 5  ? -4.461  -1.610  -5.059  1.00 46.44 ? 17  DT  C "C1'"  1 
ATOM   415 N  N1     . DT  B 2 5  ? -2.921  -1.373  -4.780  1.00 45.82 ? 17  DT  C N1     1 
ATOM   416 C  C2     . DT  B 2 5  ? -2.239  -2.245  -3.932  1.00 45.59 ? 17  DT  C C2     1 
ATOM   417 O  O2     . DT  B 2 5  ? -2.774  -3.159  -3.336  1.00 45.15 ? 17  DT  C O2     1 
ATOM   418 N  N3     . DT  B 2 5  ? -0.898  -2.003  -3.781  1.00 45.54 ? 17  DT  C N3     1 
ATOM   419 C  C4     . DT  B 2 5  ? -0.156  -1.033  -4.393  1.00 46.04 ? 17  DT  C C4     1 
ATOM   420 O  O4     . DT  B 2 5  ? 1.072   -0.911  -4.183  1.00 45.30 ? 17  DT  C O4     1 
ATOM   421 C  C5     . DT  B 2 5  ? -0.903  -0.156  -5.296  1.00 46.78 ? 17  DT  C C5     1 
ATOM   422 C  C7     . DT  B 2 5  ? -0.180  0.965   -6.019  1.00 46.75 ? 17  DT  C C7     1 
ATOM   423 C  C6     . DT  B 2 5  ? -2.238  -0.375  -5.453  1.00 45.66 ? 17  DT  C C6     1 
ATOM   424 P  P      . DT  B 2 6  ? -8.677  -0.419  -4.351  1.00 44.54 ? 18  DT  C P      1 
ATOM   425 O  OP1    . DT  B 2 6  ? -9.950  -1.197  -4.406  1.00 46.03 ? 18  DT  C OP1    1 
ATOM   426 O  OP2    . DT  B 2 6  ? -8.712  1.062   -4.403  1.00 44.11 ? 18  DT  C OP2    1 
ATOM   427 O  "O5'"  . DT  B 2 6  ? -7.912  -0.892  -3.045  1.00 43.72 ? 18  DT  C "O5'"  1 
ATOM   428 C  "C5'"  . DT  B 2 6  ? -7.769  -2.271  -2.794  1.00 44.20 ? 18  DT  C "C5'"  1 
ATOM   429 C  "C4'"  . DT  B 2 6  ? -6.956  -2.465  -1.543  1.00 44.86 ? 18  DT  C "C4'"  1 
ATOM   430 O  "O4'"  . DT  B 2 6  ? -5.602  -2.055  -1.795  1.00 44.12 ? 18  DT  C "O4'"  1 
ATOM   431 C  "C3'"  . DT  B 2 6  ? -7.438  -1.647  -0.339  1.00 43.74 ? 18  DT  C "C3'"  1 
ATOM   432 O  "O3'"  . DT  B 2 6  ? -7.894  -2.581  0.668   1.00 43.49 ? 18  DT  C "O3'"  1 
ATOM   433 C  "C2'"  . DT  B 2 6  ? -6.187  -0.821  0.087   1.00 44.39 ? 18  DT  C "C2'"  1 
ATOM   434 C  "C1'"  . DT  B 2 6  ? -5.048  -1.560  -0.617  1.00 44.32 ? 18  DT  C "C1'"  1 
ATOM   435 N  N1     . DT  B 2 6  ? -3.784  -0.753  -0.986  1.00 44.35 ? 18  DT  C N1     1 
ATOM   436 C  C2     . DT  B 2 6  ? -2.557  -1.222  -0.568  1.00 44.96 ? 18  DT  C C2     1 
ATOM   437 O  O2     . DT  B 2 6  ? -2.422  -2.207  0.117   1.00 46.00 ? 18  DT  C O2     1 
ATOM   438 N  N3     . DT  B 2 6  ? -1.480  -0.493  -0.959  1.00 45.40 ? 18  DT  C N3     1 
ATOM   439 C  C4     . DT  B 2 6  ? -1.480  0.630   -1.733  1.00 44.62 ? 18  DT  C C4     1 
ATOM   440 O  O4     . DT  B 2 6  ? -0.428  1.211   -2.026  1.00 43.50 ? 18  DT  C O4     1 
ATOM   441 C  C5     . DT  B 2 6  ? -2.801  1.072   -2.179  1.00 45.21 ? 18  DT  C C5     1 
ATOM   442 C  C7     . DT  B 2 6  ? -2.940  2.289   -3.047  1.00 45.81 ? 18  DT  C C7     1 
ATOM   443 C  C6     . DT  B 2 6  ? -3.874  0.351   -1.805  1.00 44.19 ? 18  DT  C C6     1 
ATOM   444 P  P      . DT  B 2 7  ? -8.591  -2.097  2.042   1.00 44.90 ? 19  DT  C P      1 
ATOM   445 O  OP1    . DT  B 2 7  ? -9.220  -3.317  2.625   1.00 41.11 ? 19  DT  C OP1    1 
ATOM   446 O  OP2    . DT  B 2 7  ? -9.384  -0.851  1.832   1.00 43.14 ? 19  DT  C OP2    1 
ATOM   447 O  "O5'"  . DT  B 2 7  ? -7.333  -1.786  2.968   1.00 41.24 ? 19  DT  C "O5'"  1 
ATOM   448 C  "C5'"  . DT  B 2 7  ? -6.352  -2.800  3.078   1.00 44.44 ? 19  DT  C "C5'"  1 
ATOM   449 C  "C4'"  . DT  B 2 7  ? -5.144  -2.310  3.823   1.00 44.11 ? 19  DT  C "C4'"  1 
ATOM   450 O  "O4'"  . DT  B 2 7  ? -4.306  -1.514  2.974   1.00 43.79 ? 19  DT  C "O4'"  1 
ATOM   451 C  "C3'"  . DT  B 2 7  ? -5.451  -1.461  5.057   1.00 42.57 ? 19  DT  C "C3'"  1 
ATOM   452 O  "O3'"  . DT  B 2 7  ? -5.018  -2.208  6.135   1.00 44.68 ? 19  DT  C "O3'"  1 
ATOM   453 C  "C2'"  . DT  B 2 7  ? -4.621  -0.174  4.855   1.00 44.42 ? 19  DT  C "C2'"  1 
ATOM   454 C  "C1'"  . DT  B 2 7  ? -3.608  -0.614  3.786   1.00 43.48 ? 19  DT  C "C1'"  1 
ATOM   455 N  N1     . DT  B 2 7  ? -3.128  0.450   2.914   1.00 42.82 ? 19  DT  C N1     1 
ATOM   456 C  C2     . DT  B 2 7  ? -1.761  0.643   2.782   1.00 43.42 ? 19  DT  C C2     1 
ATOM   457 O  O2     . DT  B 2 7  ? -0.922  0.000   3.395   1.00 43.63 ? 19  DT  C O2     1 
ATOM   458 N  N3     . DT  B 2 7  ? -1.408  1.626   1.908   1.00 43.19 ? 19  DT  C N3     1 
ATOM   459 C  C4     . DT  B 2 7  ? -2.244  2.410   1.145   1.00 43.30 ? 19  DT  C C4     1 
ATOM   460 O  O4     . DT  B 2 7  ? -1.813  3.281   0.387   1.00 42.09 ? 19  DT  C O4     1 
ATOM   461 C  C5     . DT  B 2 7  ? -3.666  2.155   1.321   1.00 43.42 ? 19  DT  C C5     1 
ATOM   462 C  C7     . DT  B 2 7  ? -4.673  2.955   0.545   1.00 43.11 ? 19  DT  C C7     1 
ATOM   463 C  C6     . DT  B 2 7  ? -4.033  1.184   2.178   1.00 42.32 ? 19  DT  C C6     1 
ATOM   464 P  P      . DT  B 2 8  ? -5.095  -1.675  7.632   1.00 42.46 ? 20  DT  C P      1 
ATOM   465 O  OP1    . DT  B 2 8  ? -5.281  -2.908  8.441   1.00 46.25 ? 20  DT  C OP1    1 
ATOM   466 O  OP2    . DT  B 2 8  ? -6.011  -0.504  7.678   1.00 42.76 ? 20  DT  C OP2    1 
ATOM   467 O  "O5'"  . DT  B 2 8  ? -3.603  -1.175  7.878   1.00 43.64 ? 20  DT  C "O5'"  1 
ATOM   468 C  "C5'"  . DT  B 2 8  ? -2.536  -2.015  7.496   1.00 44.89 ? 20  DT  C "C5'"  1 
ATOM   469 C  "C4'"  . DT  B 2 8  ? -1.185  -1.363  7.814   1.00 44.11 ? 20  DT  C "C4'"  1 
ATOM   470 O  "O4'"  . DT  B 2 8  ? -0.851  -0.382  6.818   1.00 43.53 ? 20  DT  C "O4'"  1 
ATOM   471 C  "C3'"  . DT  B 2 8  ? -1.104  -0.657  9.168   1.00 44.13 ? 20  DT  C "C3'"  1 
ATOM   472 O  "O3'"  . DT  B 2 8  ? 0.084   -1.073  9.800   1.00 45.07 ? 20  DT  C "O3'"  1 
ATOM   473 C  "C2'"  . DT  B 2 8  ? -1.109  0.844   8.814   1.00 45.23 ? 20  DT  C "C2'"  1 
ATOM   474 C  "C1'"  . DT  B 2 8  ? -0.481  0.846   7.421   1.00 43.22 ? 20  DT  C "C1'"  1 
ATOM   475 N  N1     . DT  B 2 8  ? -0.931  1.935   6.478   1.00 42.48 ? 20  DT  C N1     1 
ATOM   476 C  C2     . DT  B 2 8  ? 0.024   2.688   5.825   1.00 42.67 ? 20  DT  C C2     1 
ATOM   477 O  O2     . DT  B 2 8  ? 1.218   2.577   6.032   1.00 43.07 ? 20  DT  C O2     1 
ATOM   478 N  N3     . DT  B 2 8  ? -0.468  3.600   4.928   1.00 42.11 ? 20  DT  C N3     1 
ATOM   479 C  C4     . DT  B 2 8  ? -1.791  3.828   4.604   1.00 42.12 ? 20  DT  C C4     1 
ATOM   480 O  O4     . DT  B 2 8  ? -2.131  4.674   3.787   1.00 41.05 ? 20  DT  C O4     1 
ATOM   481 C  C5     . DT  B 2 8  ? -2.749  3.008   5.306   1.00 43.27 ? 20  DT  C C5     1 
ATOM   482 C  C7     . DT  B 2 8  ? -4.211  3.187   5.041   1.00 42.18 ? 20  DT  C C7     1 
ATOM   483 C  C6     . DT  B 2 8  ? -2.281  2.094   6.194   1.00 43.07 ? 20  DT  C C6     1 
ATOM   484 P  P      . DT  B 2 9  ? 0.480   -0.573  11.269  1.00 43.90 ? 21  DT  C P      1 
ATOM   485 O  OP1    . DT  B 2 9  ? 1.472   -1.586  11.721  1.00 45.76 ? 21  DT  C OP1    1 
ATOM   486 O  OP2    . DT  B 2 9  ? -0.717  -0.237  12.054  1.00 46.20 ? 21  DT  C OP2    1 
ATOM   487 O  "O5'"  . DT  B 2 9  ? 1.282   0.769   10.982  1.00 45.61 ? 21  DT  C "O5'"  1 
ATOM   488 C  "C5'"  . DT  B 2 9  ? 2.447   0.680   10.146  1.00 45.66 ? 21  DT  C "C5'"  1 
ATOM   489 C  "C4'"  . DT  B 2 9  ? 3.128   2.021   9.987   1.00 45.90 ? 21  DT  C "C4'"  1 
ATOM   490 O  "O4'"  . DT  B 2 9  ? 2.439   2.837   9.005   1.00 44.12 ? 21  DT  C "O4'"  1 
ATOM   491 C  "C3'"  . DT  B 2 9  ? 3.226   2.848   11.255  1.00 45.41 ? 21  DT  C "C3'"  1 
ATOM   492 O  "O3'"  . DT  B 2 9  ? 4.590   3.172   11.459  1.00 46.60 ? 21  DT  C "O3'"  1 
ATOM   493 C  "C2'"  . DT  B 2 9  ? 2.356   4.089   10.969  1.00 45.59 ? 21  DT  C "C2'"  1 
ATOM   494 C  "C1'"  . DT  B 2 9  ? 2.383   4.169   9.444   1.00 43.69 ? 21  DT  C "C1'"  1 
ATOM   495 N  N1     . DT  B 2 9  ? 1.185   4.775   8.821   1.00 42.96 ? 21  DT  C N1     1 
ATOM   496 C  C2     . DT  B 2 9  ? 1.339   5.659   7.761   1.00 43.16 ? 21  DT  C C2     1 
ATOM   497 O  O2     . DT  B 2 9  ? 2.420   6.014   7.333   1.00 43.02 ? 21  DT  C O2     1 
ATOM   498 N  N3     . DT  B 2 9  ? 0.172   6.121   7.218   1.00 42.01 ? 21  DT  C N3     1 
ATOM   499 C  C4     . DT  B 2 9  ? -1.104  5.783   7.590   1.00 42.94 ? 21  DT  C C4     1 
ATOM   500 O  O4     . DT  B 2 9  ? -2.095  6.254   7.031   1.00 42.58 ? 21  DT  C O4     1 
ATOM   501 C  C5     . DT  B 2 9  ? -1.202  4.832   8.684   1.00 43.56 ? 21  DT  C C5     1 
ATOM   502 C  C7     . DT  B 2 9  ? -2.552  4.416   9.201   1.00 42.17 ? 21  DT  C C7     1 
ATOM   503 C  C6     . DT  B 2 9  ? -0.059  4.371   9.228   1.00 42.61 ? 21  DT  C C6     1 
ATOM   504 P  P      . DG  B 2 10 ? 5.127   3.568   12.920  1.00 47.83 ? 22  DG  C P      1 
ATOM   505 O  OP1    . DG  B 2 10 ? 6.380   2.842   13.176  1.00 45.55 ? 22  DG  C OP1    1 
ATOM   506 O  OP2    . DG  B 2 10 ? 3.968   3.464   13.852  1.00 47.89 ? 22  DG  C OP2    1 
ATOM   507 O  "O5'"  . DG  B 2 10 ? 5.498   5.114   12.751  1.00 46.56 ? 22  DG  C "O5'"  1 
ATOM   508 C  "C5'"  . DG  B 2 10 ? 6.045   5.553   11.528  1.00 46.62 ? 22  DG  C "C5'"  1 
ATOM   509 C  "C4'"  . DG  B 2 10 ? 5.761   7.018   11.316  1.00 45.99 ? 22  DG  C "C4'"  1 
ATOM   510 O  "O4'"  . DG  B 2 10 ? 4.494   7.188   10.625  1.00 46.55 ? 22  DG  C "O4'"  1 
ATOM   511 C  "C3'"  . DG  B 2 10 ? 5.628   7.818   12.599  1.00 46.42 ? 22  DG  C "C3'"  1 
ATOM   512 O  "O3'"  . DG  B 2 10 ? 6.171   9.090   12.372  1.00 47.62 ? 22  DG  C "O3'"  1 
ATOM   513 C  "C2'"  . DG  B 2 10 ? 4.114   7.895   12.767  1.00 45.64 ? 22  DG  C "C2'"  1 
ATOM   514 C  "C1'"  . DG  B 2 10 ? 3.760   8.152   11.331  1.00 45.29 ? 22  DG  C "C1'"  1 
ATOM   515 N  N9     . DG  B 2 10 ? 2.345   8.072   10.972  1.00 43.63 ? 22  DG  C N9     1 
ATOM   516 C  C8     . DG  B 2 10 ? 1.328   7.395   11.614  1.00 42.81 ? 22  DG  C C8     1 
ATOM   517 N  N7     . DG  B 2 10 ? 0.167   7.535   11.021  1.00 42.61 ? 22  DG  C N7     1 
ATOM   518 C  C5     . DG  B 2 10 ? 0.438   8.372   9.932   1.00 42.88 ? 22  DG  C C5     1 
ATOM   519 C  C6     . DG  B 2 10 ? -0.419  8.886   8.920   1.00 42.37 ? 22  DG  C C6     1 
ATOM   520 O  O6     . DG  B 2 10 ? -1.644  8.712   8.779   1.00 41.82 ? 22  DG  C O6     1 
ATOM   521 N  N1     . DG  B 2 10 ? 0.273   9.689   8.016   1.00 42.53 ? 22  DG  C N1     1 
ATOM   522 C  C2     . DG  B 2 10 ? 1.627   9.959   8.065   1.00 43.21 ? 22  DG  C C2     1 
ATOM   523 N  N2     . DG  B 2 10 ? 2.133   10.745  7.092   1.00 43.26 ? 22  DG  C N2     1 
ATOM   524 N  N3     . DG  B 2 10 ? 2.432   9.487   8.995   1.00 43.88 ? 22  DG  C N3     1 
ATOM   525 C  C4     . DG  B 2 10 ? 1.770   8.703   9.896   1.00 43.74 ? 22  DG  C C4     1 
ATOM   526 P  P      . DC  B 2 11 ? 7.437   9.610   13.215  1.00 48.04 ? 23  DC  C P      1 
ATOM   527 O  OP1    . DC  B 2 11 ? 8.629   8.763   12.902  1.00 47.15 ? 23  DC  C OP1    1 
ATOM   528 O  OP2    . DC  B 2 11 ? 6.978   9.787   14.604  1.00 47.44 ? 23  DC  C OP2    1 
ATOM   529 O  "O5'"  . DC  B 2 11 ? 7.726   11.070  12.616  1.00 48.07 ? 23  DC  C "O5'"  1 
ATOM   530 C  "C5'"  . DC  B 2 11 ? 8.473   11.218  11.397  1.00 52.94 ? 23  DC  C "C5'"  1 
ATOM   531 C  "C4'"  . DC  B 2 11 ? 7.693   12.039  10.379  1.00 50.27 ? 23  DC  C "C4'"  1 
ATOM   532 O  "O4'"  . DC  B 2 11 ? 6.402   11.425  10.163  1.00 48.34 ? 23  DC  C "O4'"  1 
ATOM   533 C  "C3'"  . DC  B 2 11 ? 7.365   13.457  10.806  1.00 50.06 ? 23  DC  C "C3'"  1 
ATOM   534 O  "O3'"  . DC  B 2 11 ? 8.467   14.371  10.531  1.00 51.65 ? 23  DC  C "O3'"  1 
ATOM   535 C  "C2'"  . DC  B 2 11 ? 6.116   13.770  9.989   1.00 49.45 ? 23  DC  C "C2'"  1 
ATOM   536 C  "C1'"  . DC  B 2 11 ? 5.503   12.401  9.692   1.00 47.82 ? 23  DC  C "C1'"  1 
ATOM   537 N  N1     . DC  B 2 11 ? 4.163   12.156  10.340  1.00 46.37 ? 23  DC  C N1     1 
ATOM   538 C  C2     . DC  B 2 11 ? 2.990   12.528  9.674   1.00 45.55 ? 23  DC  C C2     1 
ATOM   539 O  O2     . DC  B 2 11 ? 3.073   13.083  8.581   1.00 46.89 ? 23  DC  C O2     1 
ATOM   540 N  N3     . DC  B 2 11 ? 1.794   12.273  10.252  1.00 44.05 ? 23  DC  C N3     1 
ATOM   541 C  C4     . DC  B 2 11 ? 1.750   11.661  11.434  1.00 43.98 ? 23  DC  C C4     1 
ATOM   542 N  N4     . DC  B 2 11 ? 0.557   11.431  11.971  1.00 43.71 ? 23  DC  C N4     1 
ATOM   543 C  C5     . DC  B 2 11 ? 2.931   11.266  12.125  1.00 44.84 ? 23  DC  C C5     1 
ATOM   544 C  C6     . DC  B 2 11 ? 4.099   11.526  11.549  1.00 46.01 ? 23  DC  C C6     1 
ATOM   545 H  "H5'"  . DC  B 2 11 ? 8.657   10.341  11.026  1.00 64.58 ? 23  DC  C "H5'"  1 
ATOM   546 H  "H5''" . DC  B 2 11 ? 9.314   11.662  11.589  1.00 64.58 ? 23  DC  C "H5''" 1 
ATOM   547 H  "H4'"  . DC  B 2 11 ? 8.195   12.059  9.549   1.00 61.38 ? 23  DC  C "H4'"  1 
ATOM   548 H  "H3'"  . DC  B 2 11 ? 7.163   13.479  11.755  1.00 61.12 ? 23  DC  C "H3'"  1 
ATOM   549 H  "H2'"  . DC  B 2 11 ? 5.501   14.321  10.497  1.00 60.38 ? 23  DC  C "H2'"  1 
ATOM   550 H  "H2''" . DC  B 2 11 ? 6.349   14.229  9.167   1.00 60.38 ? 23  DC  C "H2''" 1 
ATOM   551 H  "H1'"  . DC  B 2 11 ? 5.411   12.316  8.730   1.00 58.44 ? 23  DC  C "H1'"  1 
ATOM   552 H  H41    . DC  B 2 11 ? 0.498   11.037  12.733  1.00 53.50 ? 23  DC  C H41    1 
ATOM   553 H  H42    . DC  B 2 11 ? -0.156  11.675  11.557  1.00 53.50 ? 23  DC  C H42    1 
ATOM   554 H  H5     . DC  B 2 11 ? 2.886   10.841  12.951  1.00 54.86 ? 23  DC  C H5     1 
ATOM   555 H  H6     . DC  B 2 11 ? 4.886   11.275  11.977  1.00 56.27 ? 23  DC  C H6     1 
ATOM   556 P  P      . DG  B 2 12 ? 8.701   15.679  11.463  1.00 50.29 ? 24  DG  C P      1 
ATOM   557 O  OP1    . DG  B 2 12 ? 10.099  16.126  11.275  1.00 50.56 ? 24  DG  C OP1    1 
ATOM   558 O  OP2    . DG  B 2 12 ? 8.242   15.370  12.844  1.00 49.04 ? 24  DG  C OP2    1 
ATOM   559 O  "O5'"  . DG  B 2 12 ? 7.736   16.773  10.791  1.00 48.40 ? 24  DG  C "O5'"  1 
ATOM   560 C  "C5'"  . DG  B 2 12 ? 7.716   16.897  9.351   1.00 49.26 ? 24  DG  C "C5'"  1 
ATOM   561 C  "C4'"  . DG  B 2 12 ? 6.553   17.750  8.886   1.00 47.15 ? 24  DG  C "C4'"  1 
ATOM   562 O  "O4'"  . DG  B 2 12 ? 5.390   16.928  8.726   1.00 46.98 ? 24  DG  C "O4'"  1 
ATOM   563 C  "C3'"  . DG  B 2 12 ? 6.175   18.868  9.850   1.00 46.66 ? 24  DG  C "C3'"  1 
ATOM   564 O  "O3'"  . DG  B 2 12 ? 6.823   20.049  9.445   1.00 45.32 ? 24  DG  C "O3'"  1 
ATOM   565 C  "C2'"  . DG  B 2 12 ? 4.653   18.990  9.711   1.00 45.77 ? 24  DG  C "C2'"  1 
ATOM   566 C  "C1'"  . DG  B 2 12 ? 4.229   17.598  9.239   1.00 47.17 ? 24  DG  C "C1'"  1 
ATOM   567 N  N9     . DG  B 2 12 ? 3.608   16.767  10.284  1.00 44.94 ? 24  DG  C N9     1 
ATOM   568 C  C8     . DG  B 2 12 ? 4.230   16.121  11.319  1.00 45.71 ? 24  DG  C C8     1 
ATOM   569 N  N7     . DG  B 2 12 ? 3.410   15.415  12.068  1.00 45.26 ? 24  DG  C N7     1 
ATOM   570 C  C5     . DG  B 2 12 ? 2.166   15.638  11.502  1.00 44.67 ? 24  DG  C C5     1 
ATOM   571 C  C6     . DG  B 2 12 ? 0.900   15.171  11.885  1.00 43.98 ? 24  DG  C C6     1 
ATOM   572 O  O6     . DG  B 2 12 ? 0.619   14.446  12.832  1.00 43.48 ? 24  DG  C O6     1 
ATOM   573 N  N1     . DG  B 2 12 ? -0.114  15.640  11.031  1.00 43.24 ? 24  DG  C N1     1 
ATOM   574 C  C2     . DG  B 2 12 ? 0.101   16.462  9.956   1.00 43.34 ? 24  DG  C C2     1 
ATOM   575 N  N2     . DG  B 2 12 ? -0.976  16.814  9.243   1.00 42.83 ? 24  DG  C N2     1 
ATOM   576 N  N3     . DG  B 2 12 ? 1.295   16.905  9.591   1.00 44.05 ? 24  DG  C N3     1 
ATOM   577 C  C4     . DG  B 2 12 ? 2.271   16.461  10.404  1.00 44.49 ? 24  DG  C C4     1 
HETATM 578 C  C4     . WFB C 3 .  ? 1.572   -0.946  5.193   1.00 44.99 ? 101 WFB B C4     1 
HETATM 579 C  C14    . WFB C 3 .  ? -5.577  -6.195  -0.305  1.00 47.02 ? 101 WFB B C14    1 
HETATM 580 C  C5     . WFB C 3 .  ? 1.371   -2.167  5.827   1.00 44.74 ? 101 WFB B C5     1 
HETATM 581 C  C6     . WFB C 3 .  ? 0.291   -3.080  5.386   1.00 44.45 ? 101 WFB B C6     1 
HETATM 582 C  C11    . WFB C 3 .  ? -3.828  -5.356  1.715   1.00 45.75 ? 101 WFB B C11    1 
HETATM 583 C  C7     . WFB C 3 .  ? -0.223  -4.079  6.246   1.00 45.80 ? 101 WFB B C7     1 
HETATM 584 C  C8     . WFB C 3 .  ? -1.243  -4.919  5.874   1.00 45.31 ? 101 WFB B C8     1 
HETATM 585 C  C9     . WFB C 3 .  ? -1.786  -4.778  4.598   1.00 45.31 ? 101 WFB B C9     1 
HETATM 586 C  C10    . WFB C 3 .  ? -2.900  -4.926  2.762   1.00 46.28 ? 101 WFB B C10    1 
HETATM 587 C  C12    . WFB C 3 .  ? -3.621  -4.971  0.394   1.00 44.78 ? 101 WFB B C12    1 
HETATM 588 C  C13    . WFB C 3 .  ? -4.480  -5.393  -0.606  1.00 46.94 ? 101 WFB B C13    1 
HETATM 589 N  N1     . WFB C 3 .  ? 4.412   1.800   6.705   1.00 45.82 ? 101 WFB B N1     1 
HETATM 590 N  N2     . WFB C 3 .  ? 5.408   0.143   7.893   1.00 47.49 ? 101 WFB B N2     1 
HETATM 591 C  C3     . WFB C 3 .  ? 2.556   -0.076  5.612   1.00 45.71 ? 101 WFB B C3     1 
HETATM 592 N  N3     . WFB C 3 .  ? -2.799  -5.485  3.962   1.00 46.13 ? 101 WFB B N3     1 
HETATM 593 C  C1     . WFB C 3 .  ? 4.436   0.547   7.115   1.00 45.99 ? 101 WFB B C1     1 
HETATM 594 C  C15    . WFB C 3 .  ? -6.496  -6.654  -1.384  1.00 49.57 ? 101 WFB B C15    1 
HETATM 595 C  C16    . WFB C 3 .  ? -5.768  -6.600  1.011   1.00 46.70 ? 101 WFB B C16    1 
HETATM 596 C  C17    . WFB C 3 .  ? -4.905  -6.186  2.009   1.00 46.94 ? 101 WFB B C17    1 
HETATM 597 C  C18    . WFB C 3 .  ? -1.290  -3.792  3.743   1.00 45.04 ? 101 WFB B C18    1 
HETATM 598 C  C19    . WFB C 3 .  ? -0.272  -2.945  4.120   1.00 45.01 ? 101 WFB B C19    1 
HETATM 599 C  C2     . WFB C 3 .  ? 3.385   -0.402  6.674   1.00 45.65 ? 101 WFB B C2     1 
HETATM 600 C  C20    . WFB C 3 .  ? 2.197   -2.480  6.903   1.00 45.36 ? 101 WFB B C20    1 
HETATM 601 C  C21    . WFB C 3 .  ? 3.193   -1.619  7.317   1.00 45.99 ? 101 WFB B C21    1 
HETATM 602 N  N4     . WFB C 3 .  ? -6.036  -6.817  -2.615  1.00 46.77 ? 101 WFB B N4     1 
HETATM 603 N  N5     . WFB C 3 .  ? -7.768  -6.857  -1.129  1.00 47.47 ? 101 WFB B N5     1 
HETATM 604 N  N6     . WFB C 3 .  ? -2.019  -3.909  2.579   1.00 45.76 ? 101 WFB B N6     1 
HETATM 605 H  H6     . WFB C 3 .  ? 1.024   -0.708  4.463   1.00 55.04 ? 101 WFB B H6     1 
HETATM 606 H  H7     . WFB C 3 .  ? 0.149   -4.173  7.108   1.00 56.01 ? 101 WFB B H7     1 
HETATM 607 H  H8     . WFB C 3 .  ? -1.569  -5.573  6.466   1.00 55.42 ? 101 WFB B H8     1 
HETATM 608 H  H9     . WFB C 3 .  ? -2.890  -4.421  0.178   1.00 54.78 ? 101 WFB B H9     1 
HETATM 609 H  H10    . WFB C 3 .  ? -4.318  -5.134  -1.496  1.00 57.37 ? 101 WFB B H10    1 
HETATM 610 H  H1     . WFB C 3 .  ? 3.756   2.082   6.178   1.00 56.04 ? 101 WFB B H1     1 
HETATM 611 H  H2     . WFB C 3 .  ? 5.049   2.363   6.955   1.00 56.04 ? 101 WFB B H2     1 
HETATM 612 H  H4     . WFB C 3 .  ? 5.432   -0.691  8.171   1.00 58.04 ? 101 WFB B H4     1 
HETATM 613 H  H5     . WFB C 3 .  ? 2.665   0.747   5.168   1.00 55.90 ? 101 WFB B H5     1 
HETATM 614 H  H15    . WFB C 3 .  ? -6.491  -7.161  1.229   1.00 57.09 ? 101 WFB B H15    1 
HETATM 615 H  H16    . WFB C 3 .  ? -5.046  -6.468  2.895   1.00 57.38 ? 101 WFB B H16    1 
HETATM 616 H  H18    . WFB C 3 .  ? 0.043   -2.284  3.537   1.00 55.06 ? 101 WFB B H18    1 
HETATM 617 H  H19    . WFB C 3 .  ? 2.074   -3.298  7.358   1.00 55.48 ? 101 WFB B H19    1 
HETATM 618 H  H20    . WFB C 3 .  ? 3.745   -1.859  8.040   1.00 56.24 ? 101 WFB B H20    1 
HETATM 619 H  H11    . WFB C 3 .  ? -6.586  -7.063  -3.266  1.00 57.17 ? 101 WFB B H11    1 
HETATM 620 H  H12    . WFB C 3 .  ? -5.178  -6.680  -2.791  1.00 57.17 ? 101 WFB B H12    1 
HETATM 621 H  H13    . WFB C 3 .  ? -8.313  -7.101  -1.773  1.00 58.01 ? 101 WFB B H13    1 
HETATM 622 H  H17    . WFB C 3 .  ? -1.930  -3.418  1.859   1.00 55.96 ? 101 WFB B H17    1 
HETATM 623 MG MG     . MG  D 4 .  ? 13.568  2.421   1.055   1.00 46.92 ? 102 MG  B MG     1 
HETATM 624 O  O      . HOH E 5 .  ? -2.441  -9.100  6.230   1.00 40.01 ? 201 HOH B O      1 
HETATM 625 O  O      . HOH E 5 .  ? 12.579  0.042   5.357   1.00 46.00 ? 202 HOH B O      1 
HETATM 626 O  O      . HOH E 5 .  ? -9.266  -12.029 -11.800 1.00 51.82 ? 203 HOH B O      1 
HETATM 627 O  O      . HOH E 5 .  ? 4.862   -6.947  -3.257  1.00 40.09 ? 204 HOH B O      1 
HETATM 628 O  O      . HOH E 5 .  ? 8.706   -1.899  0.882   1.00 41.48 ? 205 HOH B O      1 
HETATM 629 O  O      . HOH E 5 .  ? 8.155   3.424   -1.261  1.00 42.49 ? 206 HOH B O      1 
HETATM 630 O  O      . HOH E 5 .  ? -6.021  10.539  9.878   1.00 40.94 ? 207 HOH B O      1 
HETATM 631 O  O      . HOH E 5 .  ? -2.625  10.154  14.140  1.00 48.35 ? 208 HOH B O      1 
HETATM 632 O  O      . HOH F 5 .  ? -4.620  -4.689  -3.888  1.00 45.46 ? 101 HOH C O      1 
HETATM 633 O  O      . HOH F 5 .  ? -4.781  1.483   8.586   1.00 43.46 ? 102 HOH C O      1 
HETATM 634 O  O      . HOH F 5 .  ? -4.627  6.303   7.696   1.00 39.11 ? 103 HOH C O      1 
HETATM 635 O  O      . HOH F 5 .  ? 3.306   -11.283 -6.242  1.00 45.93 ? 104 HOH C O      1 
HETATM 636 O  O      . HOH F 5 .  ? -2.232  6.830   12.402  1.00 39.02 ? 105 HOH C O      1 
HETATM 637 O  O      . HOH F 5 .  ? 1.501   -4.809  10.184  1.00 46.39 ? 106 HOH C O      1 
# 
loop_
_pdbx_poly_seq_scheme.asym_id 
_pdbx_poly_seq_scheme.entity_id 
_pdbx_poly_seq_scheme.seq_id 
_pdbx_poly_seq_scheme.mon_id 
_pdbx_poly_seq_scheme.ndb_seq_num 
_pdbx_poly_seq_scheme.pdb_seq_num 
_pdbx_poly_seq_scheme.auth_seq_num 
_pdbx_poly_seq_scheme.pdb_mon_id 
_pdbx_poly_seq_scheme.auth_mon_id 
_pdbx_poly_seq_scheme.pdb_strand_id 
_pdbx_poly_seq_scheme.pdb_ins_code 
_pdbx_poly_seq_scheme.hetero 
A 1 1  DC 1  1  1  DC DC B . n 
A 1 2  DG 2  2  2  DG DG B . n 
A 1 3  DC 3  3  3  DC DC B . n 
A 1 4  DA 4  4  4  DA DA B . n 
A 1 5  DA 5  5  5  DA DA B . n 
A 1 6  DA 6  6  6  DA DA B . n 
A 1 7  DA 7  7  7  DA DA B . n 
A 1 8  DA 8  8  8  DA DA B . n 
A 1 9  DA 9  9  9  DA DA B . n 
A 1 10 DG 10 10 10 DG DG B . n 
A 1 11 DC 11 11 11 DC DC B . n 
A 1 12 DG 12 12 12 DG DG B . n 
B 2 1  DC 1  13 13 DC DC C . n 
B 2 2  DG 2  14 14 DG DG C . n 
B 2 3  DC 3  15 15 DC DC C . n 
B 2 4  DT 4  16 16 DT DT C . n 
B 2 5  DT 5  17 17 DT DT C . n 
B 2 6  DT 6  18 18 DT DT C . n 
B 2 7  DT 7  19 19 DT DT C . n 
B 2 8  DT 8  20 20 DT DT C . n 
B 2 9  DT 9  21 21 DT DT C . n 
B 2 10 DG 10 22 22 DG DG C . n 
B 2 11 DC 11 23 23 DC DC C . n 
B 2 12 DG 12 24 24 DG DG C . n 
# 
_pdbx_contact_author.id                 2 
_pdbx_contact_author.email              wdw@gsu.edu 
_pdbx_contact_author.name_first         W 
_pdbx_contact_author.name_last          Wilson 
_pdbx_contact_author.name_mi            David 
_pdbx_contact_author.role               'principal investigator/group leader' 
_pdbx_contact_author.identifier_ORCID   0000-0001-5225-5089 
# 
loop_
_pdbx_nonpoly_scheme.asym_id 
_pdbx_nonpoly_scheme.entity_id 
_pdbx_nonpoly_scheme.mon_id 
_pdbx_nonpoly_scheme.ndb_seq_num 
_pdbx_nonpoly_scheme.pdb_seq_num 
_pdbx_nonpoly_scheme.auth_seq_num 
_pdbx_nonpoly_scheme.pdb_mon_id 
_pdbx_nonpoly_scheme.auth_mon_id 
_pdbx_nonpoly_scheme.pdb_strand_id 
_pdbx_nonpoly_scheme.pdb_ins_code 
C 3 WFB 1 101 101 WFB DRG B . 
D 4 MG  1 102 1   MG  MG  B . 
E 5 HOH 1 201 11  HOH HOH B . 
E 5 HOH 2 202 20  HOH HOH B . 
E 5 HOH 3 203 7   HOH HOH B . 
E 5 HOH 4 204 5   HOH HOH B . 
E 5 HOH 5 205 3   HOH HOH B . 
E 5 HOH 6 206 2   HOH HOH B . 
E 5 HOH 7 207 15  HOH HOH B . 
E 5 HOH 8 208 17  HOH HOH B . 
F 5 HOH 1 101 19  HOH HOH C . 
F 5 HOH 2 102 9   HOH HOH C . 
F 5 HOH 3 103 1   HOH HOH C . 
F 5 HOH 4 104 6   HOH HOH C . 
F 5 HOH 5 105 4   HOH HOH C . 
F 5 HOH 6 106 10  HOH HOH C . 
# 
_pdbx_struct_assembly.id                   1 
_pdbx_struct_assembly.details              author_and_software_defined_assembly 
_pdbx_struct_assembly.method_details       PISA 
_pdbx_struct_assembly.oligomeric_details   dimeric 
_pdbx_struct_assembly.oligomeric_count     2 
# 
_pdbx_struct_assembly_gen.assembly_id       1 
_pdbx_struct_assembly_gen.oper_expression   1 
_pdbx_struct_assembly_gen.asym_id_list      A,B,C,D,E,F 
# 
loop_
_pdbx_struct_assembly_prop.biol_id 
_pdbx_struct_assembly_prop.type 
_pdbx_struct_assembly_prop.value 
_pdbx_struct_assembly_prop.details 
1 'ABSA (A^2)' 1470 ? 
1 MORE         -11  ? 
1 'SSA (A^2)'  4340 ? 
# 
_pdbx_struct_oper_list.id                   1 
_pdbx_struct_oper_list.type                 'identity operation' 
_pdbx_struct_oper_list.name                 1_555 
_pdbx_struct_oper_list.symmetry_operation   x,y,z 
_pdbx_struct_oper_list.matrix[1][1]         1.0000000000 
_pdbx_struct_oper_list.matrix[1][2]         0.0000000000 
_pdbx_struct_oper_list.matrix[1][3]         0.0000000000 
_pdbx_struct_oper_list.vector[1]            0.0000000000 
_pdbx_struct_oper_list.matrix[2][1]         0.0000000000 
_pdbx_struct_oper_list.matrix[2][2]         1.0000000000 
_pdbx_struct_oper_list.matrix[2][3]         0.0000000000 
_pdbx_struct_oper_list.vector[2]            0.0000000000 
_pdbx_struct_oper_list.matrix[3][1]         0.0000000000 
_pdbx_struct_oper_list.matrix[3][2]         0.0000000000 
_pdbx_struct_oper_list.matrix[3][3]         1.0000000000 
_pdbx_struct_oper_list.vector[3]            0.0000000000 
# 
loop_
_pdbx_audit_revision_history.ordinal 
_pdbx_audit_revision_history.data_content_type 
_pdbx_audit_revision_history.major_revision 
_pdbx_audit_revision_history.minor_revision 
_pdbx_audit_revision_history.revision_date 
1 'Structure model' 1 0 2023-02-22 
2 'Structure model' 1 1 2023-08-30 
3 'Structure model' 1 2 2023-10-25 
# 
_pdbx_audit_revision_details.ordinal             1 
_pdbx_audit_revision_details.revision_ordinal    1 
_pdbx_audit_revision_details.data_content_type   'Structure model' 
_pdbx_audit_revision_details.provider            repository 
_pdbx_audit_revision_details.type                'Initial release' 
_pdbx_audit_revision_details.description         ? 
_pdbx_audit_revision_details.details             ? 
# 
loop_
_pdbx_audit_revision_group.ordinal 
_pdbx_audit_revision_group.revision_ordinal 
_pdbx_audit_revision_group.data_content_type 
_pdbx_audit_revision_group.group 
1 2 'Structure model' 'Data collection'        
2 2 'Structure model' 'Database references'    
3 3 'Structure model' 'Refinement description' 
# 
loop_
_pdbx_audit_revision_category.ordinal 
_pdbx_audit_revision_category.revision_ordinal 
_pdbx_audit_revision_category.data_content_type 
_pdbx_audit_revision_category.category 
1 2 'Structure model' chem_comp_atom                
2 2 'Structure model' chem_comp_bond                
3 2 'Structure model' citation                      
4 2 'Structure model' citation_author               
5 3 'Structure model' pdbx_initial_refinement_model 
# 
loop_
_pdbx_audit_revision_item.ordinal 
_pdbx_audit_revision_item.revision_ordinal 
_pdbx_audit_revision_item.data_content_type 
_pdbx_audit_revision_item.item 
1 2 'Structure model' '_citation.journal_volume'          
2 2 'Structure model' '_citation.page_first'              
3 2 'Structure model' '_citation.page_last'               
4 2 'Structure model' '_citation.pdbx_database_id_DOI'    
5 2 'Structure model' '_citation.pdbx_database_id_PubMed' 
6 2 'Structure model' '_citation.title'                   
# 
loop_
_software.citation_id 
_software.classification 
_software.compiler_name 
_software.compiler_version 
_software.contact_author 
_software.contact_author_email 
_software.date 
_software.description 
_software.dependencies 
_software.hardware 
_software.language 
_software.location 
_software.mods 
_software.name 
_software.os 
_software.os_version 
_software.type 
_software.version 
_software.pdbx_ordinal 
? refinement        ? ? ? ? ? ? ? ? ? ? ? PHENIX   ? ? ? 1.19.2_4158 1 
? 'data processing' ? ? ? ? ? ? ? ? ? ? ? autoPROC ? ? ? 3.27        2 
? 'data scaling'    ? ? ? ? ? ? ? ? ? ? ? XDS      ? ? ? .           3 
? 'model building'  ? ? ? ? ? ? ? ? ? ? ? Coot     ? ? ? .           4 
? phasing           ? ? ? ? ? ? ? ? ? ? ? PHASER   ? ? ? .           5 
? 'data reduction'  ? ? ? ? ? ? ? ? ? ? ? XDS      ? ? ? .           6 
# 
_pdbx_entry_details.entry_id                 8F1V 
_pdbx_entry_details.nonpolymer_details       ? 
_pdbx_entry_details.sequence_details         ? 
_pdbx_entry_details.compound_details         ? 
_pdbx_entry_details.source_details           ? 
_pdbx_entry_details.has_ligand_of_interest   Y 
# 
loop_
_pdbx_validate_rmsd_bond.id 
_pdbx_validate_rmsd_bond.PDB_model_num 
_pdbx_validate_rmsd_bond.auth_atom_id_1 
_pdbx_validate_rmsd_bond.auth_asym_id_1 
_pdbx_validate_rmsd_bond.auth_comp_id_1 
_pdbx_validate_rmsd_bond.auth_seq_id_1 
_pdbx_validate_rmsd_bond.PDB_ins_code_1 
_pdbx_validate_rmsd_bond.label_alt_id_1 
_pdbx_validate_rmsd_bond.auth_atom_id_2 
_pdbx_validate_rmsd_bond.auth_asym_id_2 
_pdbx_validate_rmsd_bond.auth_comp_id_2 
_pdbx_validate_rmsd_bond.auth_seq_id_2 
_pdbx_validate_rmsd_bond.PDB_ins_code_2 
_pdbx_validate_rmsd_bond.label_alt_id_2 
_pdbx_validate_rmsd_bond.bond_value 
_pdbx_validate_rmsd_bond.bond_target_value 
_pdbx_validate_rmsd_bond.bond_deviation 
_pdbx_validate_rmsd_bond.bond_standard_deviation 
_pdbx_validate_rmsd_bond.linker_flag 
1 1 "O3'" B DA 7  ? ? "C3'" B DA 7  ? ? 1.378 1.419 -0.041 0.006 N 
2 1 "O3'" C DC 15 ? ? "C3'" C DC 15 ? ? 1.379 1.419 -0.040 0.006 N 
3 1 "C1'" C DT 17 ? ? N1    C DT 17 ? ? 1.583 1.488 0.095  0.013 N 
4 1 "O3'" C DT 19 ? ? "C3'" C DT 19 ? ? 1.382 1.419 -0.037 0.006 N 
# 
loop_
_pdbx_validate_rmsd_angle.id 
_pdbx_validate_rmsd_angle.PDB_model_num 
_pdbx_validate_rmsd_angle.auth_atom_id_1 
_pdbx_validate_rmsd_angle.auth_asym_id_1 
_pdbx_validate_rmsd_angle.auth_comp_id_1 
_pdbx_validate_rmsd_angle.auth_seq_id_1 
_pdbx_validate_rmsd_angle.PDB_ins_code_1 
_pdbx_validate_rmsd_angle.label_alt_id_1 
_pdbx_validate_rmsd_angle.auth_atom_id_2 
_pdbx_validate_rmsd_angle.auth_asym_id_2 
_pdbx_validate_rmsd_angle.auth_comp_id_2 
_pdbx_validate_rmsd_angle.auth_seq_id_2 
_pdbx_validate_rmsd_angle.PDB_ins_code_2 
_pdbx_validate_rmsd_angle.label_alt_id_2 
_pdbx_validate_rmsd_angle.auth_atom_id_3 
_pdbx_validate_rmsd_angle.auth_asym_id_3 
_pdbx_validate_rmsd_angle.auth_comp_id_3 
_pdbx_validate_rmsd_angle.auth_seq_id_3 
_pdbx_validate_rmsd_angle.PDB_ins_code_3 
_pdbx_validate_rmsd_angle.label_alt_id_3 
_pdbx_validate_rmsd_angle.angle_value 
_pdbx_validate_rmsd_angle.angle_target_value 
_pdbx_validate_rmsd_angle.angle_deviation 
_pdbx_validate_rmsd_angle.angle_standard_deviation 
_pdbx_validate_rmsd_angle.linker_flag 
1 1 "O4'" B DG 10 ? ? "C1'" B DG 10 ? ? N9 B DG 10 ? ? 110.78 108.30 2.48 0.30 N 
2 1 "O4'" C DG 22 ? ? "C1'" C DG 22 ? ? N9 C DG 22 ? ? 110.20 108.30 1.90 0.30 N 
# 
loop_
_chem_comp_atom.comp_id 
_chem_comp_atom.atom_id 
_chem_comp_atom.type_symbol 
_chem_comp_atom.pdbx_aromatic_flag 
_chem_comp_atom.pdbx_stereo_config 
_chem_comp_atom.pdbx_ordinal 
DA  OP3    O  N N 1   
DA  P      P  N N 2   
DA  OP1    O  N N 3   
DA  OP2    O  N N 4   
DA  "O5'"  O  N N 5   
DA  "C5'"  C  N N 6   
DA  "C4'"  C  N R 7   
DA  "O4'"  O  N N 8   
DA  "C3'"  C  N S 9   
DA  "O3'"  O  N N 10  
DA  "C2'"  C  N N 11  
DA  "C1'"  C  N R 12  
DA  N9     N  Y N 13  
DA  C8     C  Y N 14  
DA  N7     N  Y N 15  
DA  C5     C  Y N 16  
DA  C6     C  Y N 17  
DA  N6     N  N N 18  
DA  N1     N  Y N 19  
DA  C2     C  Y N 20  
DA  N3     N  Y N 21  
DA  C4     C  Y N 22  
DA  HOP3   H  N N 23  
DA  HOP2   H  N N 24  
DA  "H5'"  H  N N 25  
DA  "H5''" H  N N 26  
DA  "H4'"  H  N N 27  
DA  "H3'"  H  N N 28  
DA  "HO3'" H  N N 29  
DA  "H2'"  H  N N 30  
DA  "H2''" H  N N 31  
DA  "H1'"  H  N N 32  
DA  H8     H  N N 33  
DA  H61    H  N N 34  
DA  H62    H  N N 35  
DA  H2     H  N N 36  
DC  OP3    O  N N 37  
DC  P      P  N N 38  
DC  OP1    O  N N 39  
DC  OP2    O  N N 40  
DC  "O5'"  O  N N 41  
DC  "C5'"  C  N N 42  
DC  "C4'"  C  N R 43  
DC  "O4'"  O  N N 44  
DC  "C3'"  C  N S 45  
DC  "O3'"  O  N N 46  
DC  "C2'"  C  N N 47  
DC  "C1'"  C  N R 48  
DC  N1     N  N N 49  
DC  C2     C  N N 50  
DC  O2     O  N N 51  
DC  N3     N  N N 52  
DC  C4     C  N N 53  
DC  N4     N  N N 54  
DC  C5     C  N N 55  
DC  C6     C  N N 56  
DC  HOP3   H  N N 57  
DC  HOP2   H  N N 58  
DC  "H5'"  H  N N 59  
DC  "H5''" H  N N 60  
DC  "H4'"  H  N N 61  
DC  "H3'"  H  N N 62  
DC  "HO3'" H  N N 63  
DC  "H2'"  H  N N 64  
DC  "H2''" H  N N 65  
DC  "H1'"  H  N N 66  
DC  H41    H  N N 67  
DC  H42    H  N N 68  
DC  H5     H  N N 69  
DC  H6     H  N N 70  
DG  OP3    O  N N 71  
DG  P      P  N N 72  
DG  OP1    O  N N 73  
DG  OP2    O  N N 74  
DG  "O5'"  O  N N 75  
DG  "C5'"  C  N N 76  
DG  "C4'"  C  N R 77  
DG  "O4'"  O  N N 78  
DG  "C3'"  C  N S 79  
DG  "O3'"  O  N N 80  
DG  "C2'"  C  N N 81  
DG  "C1'"  C  N R 82  
DG  N9     N  Y N 83  
DG  C8     C  Y N 84  
DG  N7     N  Y N 85  
DG  C5     C  Y N 86  
DG  C6     C  N N 87  
DG  O6     O  N N 88  
DG  N1     N  N N 89  
DG  C2     C  N N 90  
DG  N2     N  N N 91  
DG  N3     N  N N 92  
DG  C4     C  Y N 93  
DG  HOP3   H  N N 94  
DG  HOP2   H  N N 95  
DG  "H5'"  H  N N 96  
DG  "H5''" H  N N 97  
DG  "H4'"  H  N N 98  
DG  "H3'"  H  N N 99  
DG  "HO3'" H  N N 100 
DG  "H2'"  H  N N 101 
DG  "H2''" H  N N 102 
DG  "H1'"  H  N N 103 
DG  H8     H  N N 104 
DG  H1     H  N N 105 
DG  H21    H  N N 106 
DG  H22    H  N N 107 
DT  OP3    O  N N 108 
DT  P      P  N N 109 
DT  OP1    O  N N 110 
DT  OP2    O  N N 111 
DT  "O5'"  O  N N 112 
DT  "C5'"  C  N N 113 
DT  "C4'"  C  N R 114 
DT  "O4'"  O  N N 115 
DT  "C3'"  C  N S 116 
DT  "O3'"  O  N N 117 
DT  "C2'"  C  N N 118 
DT  "C1'"  C  N R 119 
DT  N1     N  N N 120 
DT  C2     C  N N 121 
DT  O2     O  N N 122 
DT  N3     N  N N 123 
DT  C4     C  N N 124 
DT  O4     O  N N 125 
DT  C5     C  N N 126 
DT  C7     C  N N 127 
DT  C6     C  N N 128 
DT  HOP3   H  N N 129 
DT  HOP2   H  N N 130 
DT  "H5'"  H  N N 131 
DT  "H5''" H  N N 132 
DT  "H4'"  H  N N 133 
DT  "H3'"  H  N N 134 
DT  "HO3'" H  N N 135 
DT  "H2'"  H  N N 136 
DT  "H2''" H  N N 137 
DT  "H1'"  H  N N 138 
DT  H3     H  N N 139 
DT  H71    H  N N 140 
DT  H72    H  N N 141 
DT  H73    H  N N 142 
DT  H6     H  N N 143 
HOH O      O  N N 144 
HOH H1     H  N N 145 
HOH H2     H  N N 146 
MG  MG     MG N N 147 
WFB C4     C  Y N 148 
WFB C14    C  Y N 149 
WFB C5     C  Y N 150 
WFB C6     C  Y N 151 
WFB C11    C  Y N 152 
WFB C7     C  Y N 153 
WFB C8     C  Y N 154 
WFB C9     C  Y N 155 
WFB C10    C  Y N 156 
WFB C12    C  Y N 157 
WFB C13    C  Y N 158 
WFB N1     N  N N 159 
WFB N2     N  N N 160 
WFB C3     C  Y N 161 
WFB N3     N  Y N 162 
WFB C1     C  N N 163 
WFB C15    C  N N 164 
WFB C16    C  Y N 165 
WFB C17    C  Y N 166 
WFB C18    C  Y N 167 
WFB C19    C  Y N 168 
WFB C2     C  Y N 169 
WFB C20    C  Y N 170 
WFB C21    C  Y N 171 
WFB N4     N  N N 172 
WFB N5     N  N N 173 
WFB N6     N  Y N 174 
WFB H6     H  N N 175 
WFB H7     H  N N 176 
WFB H8     H  N N 177 
WFB H9     H  N N 178 
WFB H10    H  N N 179 
WFB H1     H  N N 180 
WFB H2     H  N N 181 
WFB H4     H  N N 182 
WFB H5     H  N N 183 
WFB H15    H  N N 184 
WFB H16    H  N N 185 
WFB H18    H  N N 186 
WFB H19    H  N N 187 
WFB H20    H  N N 188 
WFB H11    H  N N 189 
WFB H12    H  N N 190 
WFB H13    H  N N 191 
WFB H17    H  N N 192 
# 
loop_
_chem_comp_bond.comp_id 
_chem_comp_bond.atom_id_1 
_chem_comp_bond.atom_id_2 
_chem_comp_bond.value_order 
_chem_comp_bond.pdbx_aromatic_flag 
_chem_comp_bond.pdbx_stereo_config 
_chem_comp_bond.pdbx_ordinal 
DA  OP3   P      sing N N 1   
DA  OP3   HOP3   sing N N 2   
DA  P     OP1    doub N N 3   
DA  P     OP2    sing N N 4   
DA  P     "O5'"  sing N N 5   
DA  OP2   HOP2   sing N N 6   
DA  "O5'" "C5'"  sing N N 7   
DA  "C5'" "C4'"  sing N N 8   
DA  "C5'" "H5'"  sing N N 9   
DA  "C5'" "H5''" sing N N 10  
DA  "C4'" "O4'"  sing N N 11  
DA  "C4'" "C3'"  sing N N 12  
DA  "C4'" "H4'"  sing N N 13  
DA  "O4'" "C1'"  sing N N 14  
DA  "C3'" "O3'"  sing N N 15  
DA  "C3'" "C2'"  sing N N 16  
DA  "C3'" "H3'"  sing N N 17  
DA  "O3'" "HO3'" sing N N 18  
DA  "C2'" "C1'"  sing N N 19  
DA  "C2'" "H2'"  sing N N 20  
DA  "C2'" "H2''" sing N N 21  
DA  "C1'" N9     sing N N 22  
DA  "C1'" "H1'"  sing N N 23  
DA  N9    C8     sing Y N 24  
DA  N9    C4     sing Y N 25  
DA  C8    N7     doub Y N 26  
DA  C8    H8     sing N N 27  
DA  N7    C5     sing Y N 28  
DA  C5    C6     sing Y N 29  
DA  C5    C4     doub Y N 30  
DA  C6    N6     sing N N 31  
DA  C6    N1     doub Y N 32  
DA  N6    H61    sing N N 33  
DA  N6    H62    sing N N 34  
DA  N1    C2     sing Y N 35  
DA  C2    N3     doub Y N 36  
DA  C2    H2     sing N N 37  
DA  N3    C4     sing Y N 38  
DC  OP3   P      sing N N 39  
DC  OP3   HOP3   sing N N 40  
DC  P     OP1    doub N N 41  
DC  P     OP2    sing N N 42  
DC  P     "O5'"  sing N N 43  
DC  OP2   HOP2   sing N N 44  
DC  "O5'" "C5'"  sing N N 45  
DC  "C5'" "C4'"  sing N N 46  
DC  "C5'" "H5'"  sing N N 47  
DC  "C5'" "H5''" sing N N 48  
DC  "C4'" "O4'"  sing N N 49  
DC  "C4'" "C3'"  sing N N 50  
DC  "C4'" "H4'"  sing N N 51  
DC  "O4'" "C1'"  sing N N 52  
DC  "C3'" "O3'"  sing N N 53  
DC  "C3'" "C2'"  sing N N 54  
DC  "C3'" "H3'"  sing N N 55  
DC  "O3'" "HO3'" sing N N 56  
DC  "C2'" "C1'"  sing N N 57  
DC  "C2'" "H2'"  sing N N 58  
DC  "C2'" "H2''" sing N N 59  
DC  "C1'" N1     sing N N 60  
DC  "C1'" "H1'"  sing N N 61  
DC  N1    C2     sing N N 62  
DC  N1    C6     sing N N 63  
DC  C2    O2     doub N N 64  
DC  C2    N3     sing N N 65  
DC  N3    C4     doub N N 66  
DC  C4    N4     sing N N 67  
DC  C4    C5     sing N N 68  
DC  N4    H41    sing N N 69  
DC  N4    H42    sing N N 70  
DC  C5    C6     doub N N 71  
DC  C5    H5     sing N N 72  
DC  C6    H6     sing N N 73  
DG  OP3   P      sing N N 74  
DG  OP3   HOP3   sing N N 75  
DG  P     OP1    doub N N 76  
DG  P     OP2    sing N N 77  
DG  P     "O5'"  sing N N 78  
DG  OP2   HOP2   sing N N 79  
DG  "O5'" "C5'"  sing N N 80  
DG  "C5'" "C4'"  sing N N 81  
DG  "C5'" "H5'"  sing N N 82  
DG  "C5'" "H5''" sing N N 83  
DG  "C4'" "O4'"  sing N N 84  
DG  "C4'" "C3'"  sing N N 85  
DG  "C4'" "H4'"  sing N N 86  
DG  "O4'" "C1'"  sing N N 87  
DG  "C3'" "O3'"  sing N N 88  
DG  "C3'" "C2'"  sing N N 89  
DG  "C3'" "H3'"  sing N N 90  
DG  "O3'" "HO3'" sing N N 91  
DG  "C2'" "C1'"  sing N N 92  
DG  "C2'" "H2'"  sing N N 93  
DG  "C2'" "H2''" sing N N 94  
DG  "C1'" N9     sing N N 95  
DG  "C1'" "H1'"  sing N N 96  
DG  N9    C8     sing Y N 97  
DG  N9    C4     sing Y N 98  
DG  C8    N7     doub Y N 99  
DG  C8    H8     sing N N 100 
DG  N7    C5     sing Y N 101 
DG  C5    C6     sing N N 102 
DG  C5    C4     doub Y N 103 
DG  C6    O6     doub N N 104 
DG  C6    N1     sing N N 105 
DG  N1    C2     sing N N 106 
DG  N1    H1     sing N N 107 
DG  C2    N2     sing N N 108 
DG  C2    N3     doub N N 109 
DG  N2    H21    sing N N 110 
DG  N2    H22    sing N N 111 
DG  N3    C4     sing N N 112 
DT  OP3   P      sing N N 113 
DT  OP3   HOP3   sing N N 114 
DT  P     OP1    doub N N 115 
DT  P     OP2    sing N N 116 
DT  P     "O5'"  sing N N 117 
DT  OP2   HOP2   sing N N 118 
DT  "O5'" "C5'"  sing N N 119 
DT  "C5'" "C4'"  sing N N 120 
DT  "C5'" "H5'"  sing N N 121 
DT  "C5'" "H5''" sing N N 122 
DT  "C4'" "O4'"  sing N N 123 
DT  "C4'" "C3'"  sing N N 124 
DT  "C4'" "H4'"  sing N N 125 
DT  "O4'" "C1'"  sing N N 126 
DT  "C3'" "O3'"  sing N N 127 
DT  "C3'" "C2'"  sing N N 128 
DT  "C3'" "H3'"  sing N N 129 
DT  "O3'" "HO3'" sing N N 130 
DT  "C2'" "C1'"  sing N N 131 
DT  "C2'" "H2'"  sing N N 132 
DT  "C2'" "H2''" sing N N 133 
DT  "C1'" N1     sing N N 134 
DT  "C1'" "H1'"  sing N N 135 
DT  N1    C2     sing N N 136 
DT  N1    C6     sing N N 137 
DT  C2    O2     doub N N 138 
DT  C2    N3     sing N N 139 
DT  N3    C4     sing N N 140 
DT  N3    H3     sing N N 141 
DT  C4    O4     doub N N 142 
DT  C4    C5     sing N N 143 
DT  C5    C7     sing N N 144 
DT  C5    C6     doub N N 145 
DT  C7    H71    sing N N 146 
DT  C7    H72    sing N N 147 
DT  C7    H73    sing N N 148 
DT  C6    H6     sing N N 149 
HOH O     H1     sing N N 150 
HOH O     H2     sing N N 151 
WFB N2    C1     doub N N 152 
WFB N1    C1     sing N N 153 
WFB C1    C2     sing N N 154 
WFB C2    C21    doub Y N 155 
WFB C2    C3     sing Y N 156 
WFB C21   C20    sing Y N 157 
WFB C3    C4     doub Y N 158 
WFB C20   C5     doub Y N 159 
WFB C4    C5     sing Y N 160 
WFB C5    C6     sing N N 161 
WFB C6    C7     doub Y N 162 
WFB C6    C19    sing Y N 163 
WFB C7    C8     sing Y N 164 
WFB C19   C18    doub Y N 165 
WFB C8    C9     doub Y N 166 
WFB C18   C9     sing Y N 167 
WFB C18   N6     sing Y N 168 
WFB C9    N3     sing Y N 169 
WFB N6    C10    sing Y N 170 
WFB N3    C10    doub Y N 171 
WFB C10   C11    sing N N 172 
WFB C11   C17    doub Y N 173 
WFB C11   C12    sing Y N 174 
WFB C17   C16    sing Y N 175 
WFB C12   C13    doub Y N 176 
WFB C16   C14    doub Y N 177 
WFB C13   C14    sing Y N 178 
WFB C14   C15    sing N N 179 
WFB C15   N5     doub N N 180 
WFB C15   N4     sing N N 181 
WFB C4    H6     sing N N 182 
WFB C7    H7     sing N N 183 
WFB C8    H8     sing N N 184 
WFB C12   H9     sing N N 185 
WFB C13   H10    sing N N 186 
WFB N1    H1     sing N N 187 
WFB N1    H2     sing N N 188 
WFB N2    H4     sing N N 189 
WFB C3    H5     sing N N 190 
WFB C16   H15    sing N N 191 
WFB C17   H16    sing N N 192 
WFB C19   H18    sing N N 193 
WFB C20   H19    sing N N 194 
WFB C21   H20    sing N N 195 
WFB N4    H11    sing N N 196 
WFB N4    H12    sing N N 197 
WFB N5    H13    sing N N 198 
WFB N6    H17    sing N N 199 
# 
loop_
_ndb_struct_conf_na.entry_id 
_ndb_struct_conf_na.feature 
8F1V 'double helix'        
8F1V 'b-form double helix' 
# 
loop_
_ndb_struct_na_base_pair.model_number 
_ndb_struct_na_base_pair.i_label_asym_id 
_ndb_struct_na_base_pair.i_label_comp_id 
_ndb_struct_na_base_pair.i_label_seq_id 
_ndb_struct_na_base_pair.i_symmetry 
_ndb_struct_na_base_pair.j_label_asym_id 
_ndb_struct_na_base_pair.j_label_comp_id 
_ndb_struct_na_base_pair.j_label_seq_id 
_ndb_struct_na_base_pair.j_symmetry 
_ndb_struct_na_base_pair.shear 
_ndb_struct_na_base_pair.stretch 
_ndb_struct_na_base_pair.stagger 
_ndb_struct_na_base_pair.buckle 
_ndb_struct_na_base_pair.propeller 
_ndb_struct_na_base_pair.opening 
_ndb_struct_na_base_pair.pair_number 
_ndb_struct_na_base_pair.pair_name 
_ndb_struct_na_base_pair.i_auth_asym_id 
_ndb_struct_na_base_pair.i_auth_seq_id 
_ndb_struct_na_base_pair.i_PDB_ins_code 
_ndb_struct_na_base_pair.j_auth_asym_id 
_ndb_struct_na_base_pair.j_auth_seq_id 
_ndb_struct_na_base_pair.j_PDB_ins_code 
_ndb_struct_na_base_pair.hbond_type_28 
_ndb_struct_na_base_pair.hbond_type_12 
1 A DC 1  1_555 B DG 12 1_555 -0.076 -0.269 0.302  -3.819  -9.484  -3.971 1  B_DC1:DG24_C  B 1  ? C 24 ? 19 1 
1 A DG 2  1_555 B DC 11 1_555 -0.358 -0.291 0.275  2.917   -17.700 -2.969 2  B_DG2:DC23_C  B 2  ? C 23 ? 19 1 
1 A DC 3  1_555 B DG 10 1_555 0.380  -0.297 -0.124 -0.939  -3.849  0.824  3  B_DC3:DG22_C  B 3  ? C 22 ? 19 1 
1 A DA 4  1_555 B DT 9  1_555 -0.127 -0.127 0.093  14.187  -11.086 2.600  4  B_DA4:DT21_C  B 4  ? C 21 ? 20 1 
1 A DA 5  1_555 B DT 8  1_555 0.048  -0.084 0.196  11.267  -21.349 1.220  5  B_DA5:DT20_C  B 5  ? C 20 ? 20 1 
1 A DA 6  1_555 B DT 7  1_555 0.006  -0.230 -0.044 1.831   -20.962 4.625  6  B_DA6:DT19_C  B 6  ? C 19 ? 20 1 
1 A DA 7  1_555 B DT 6  1_555 1.573  -0.247 -0.125 -8.508  -25.166 10.755 7  B_DA7:DT18_C  B 7  ? C 18 ? 20 1 
1 A DA 8  1_555 B DT 5  1_555 0.692  -0.355 0.121  -12.049 -14.751 6.529  8  B_DA8:DT17_C  B 8  ? C 17 ? 20 1 
1 A DA 9  1_555 B DT 4  1_555 1.188  0.056  -0.617 -7.263  -12.129 -4.518 9  B_DA9:DT16_C  B 9  ? C 16 ? 20 1 
1 A DG 10 1_555 B DC 3  1_555 -0.074 -0.066 0.566  9.886   -2.579  3.712  10 B_DG10:DC15_C B 10 ? C 15 ? 19 1 
1 A DC 11 1_555 B DG 2  1_555 0.275  -0.325 0.417  -0.026  -23.306 -3.481 11 B_DC11:DG14_C B 11 ? C 14 ? 19 1 
1 A DG 12 1_555 B DC 1  1_555 0.150  -0.198 0.930  12.097  2.531   -6.487 12 B_DG12:DC13_C B 12 ? C 13 ? 19 1 
# 
loop_
_ndb_struct_na_base_pair_step.model_number 
_ndb_struct_na_base_pair_step.i_label_asym_id_1 
_ndb_struct_na_base_pair_step.i_label_comp_id_1 
_ndb_struct_na_base_pair_step.i_label_seq_id_1 
_ndb_struct_na_base_pair_step.i_symmetry_1 
_ndb_struct_na_base_pair_step.j_label_asym_id_1 
_ndb_struct_na_base_pair_step.j_label_comp_id_1 
_ndb_struct_na_base_pair_step.j_label_seq_id_1 
_ndb_struct_na_base_pair_step.j_symmetry_1 
_ndb_struct_na_base_pair_step.i_label_asym_id_2 
_ndb_struct_na_base_pair_step.i_label_comp_id_2 
_ndb_struct_na_base_pair_step.i_label_seq_id_2 
_ndb_struct_na_base_pair_step.i_symmetry_2 
_ndb_struct_na_base_pair_step.j_label_asym_id_2 
_ndb_struct_na_base_pair_step.j_label_comp_id_2 
_ndb_struct_na_base_pair_step.j_label_seq_id_2 
_ndb_struct_na_base_pair_step.j_symmetry_2 
_ndb_struct_na_base_pair_step.shift 
_ndb_struct_na_base_pair_step.slide 
_ndb_struct_na_base_pair_step.rise 
_ndb_struct_na_base_pair_step.tilt 
_ndb_struct_na_base_pair_step.roll 
_ndb_struct_na_base_pair_step.twist 
_ndb_struct_na_base_pair_step.x_displacement 
_ndb_struct_na_base_pair_step.y_displacement 
_ndb_struct_na_base_pair_step.helical_rise 
_ndb_struct_na_base_pair_step.inclination 
_ndb_struct_na_base_pair_step.tip 
_ndb_struct_na_base_pair_step.helical_twist 
_ndb_struct_na_base_pair_step.step_number 
_ndb_struct_na_base_pair_step.step_name 
_ndb_struct_na_base_pair_step.i_auth_asym_id_1 
_ndb_struct_na_base_pair_step.i_auth_seq_id_1 
_ndb_struct_na_base_pair_step.i_PDB_ins_code_1 
_ndb_struct_na_base_pair_step.j_auth_asym_id_1 
_ndb_struct_na_base_pair_step.j_auth_seq_id_1 
_ndb_struct_na_base_pair_step.j_PDB_ins_code_1 
_ndb_struct_na_base_pair_step.i_auth_asym_id_2 
_ndb_struct_na_base_pair_step.i_auth_seq_id_2 
_ndb_struct_na_base_pair_step.i_PDB_ins_code_2 
_ndb_struct_na_base_pair_step.j_auth_asym_id_2 
_ndb_struct_na_base_pair_step.j_auth_seq_id_2 
_ndb_struct_na_base_pair_step.j_PDB_ins_code_2 
1 A DC 1  1_555 B DG 12 1_555 A DG 2  1_555 B DC 11 1_555 -0.036 0.014  3.148 -0.460  5.665   35.778 -0.744 -0.004 3.114 9.150   
0.743  36.212 1  BB_DC1DG2:DC23DG24_CC   B 1  ? C 24 ? B 2  ? C 23 ? 
1 A DG 2  1_555 B DC 11 1_555 A DC 3  1_555 B DG 10 1_555 0.892  0.393  3.289 5.180   -7.336  43.130 1.225  -0.696 3.264 -9.852  
-6.956 44.012 2  BB_DG2DC3:DG22DC23_CC   B 2  ? C 23 ? B 3  ? C 22 ? 
1 A DC 3  1_555 B DG 10 1_555 A DA 4  1_555 B DT 9  1_555 -0.317 0.795  3.110 1.577   6.399   24.034 -0.037 1.197  3.184 15.009  
-3.698 24.908 3  BB_DC3DA4:DT21DG22_CC   B 3  ? C 22 ? B 4  ? C 21 ? 
1 A DA 4  1_555 B DT 9  1_555 A DA 5  1_555 B DT 8  1_555 -0.308 0.282  3.263 -2.506  -1.364  37.935 0.607  0.154  3.264 -2.095  
3.849  38.038 4  BB_DA4DA5:DT20DT21_CC   B 4  ? C 21 ? B 5  ? C 20 ? 
1 A DA 5  1_555 B DT 8  1_555 A DA 6  1_555 B DT 7  1_555 0.336  -0.231 3.423 3.081   3.862   37.416 -0.881 -0.102 3.399 5.989   
-4.778 37.729 5  BB_DA5DA6:DT19DT20_CC   B 5  ? C 20 ? B 6  ? C 19 ? 
1 A DA 6  1_555 B DT 7  1_555 A DA 7  1_555 B DT 6  1_555 0.107  0.200  3.556 1.190   4.701   40.975 -0.269 -0.011 3.558 6.688   
-1.692 41.249 6  BB_DA6DA7:DT18DT19_CC   B 6  ? C 19 ? B 7  ? C 18 ? 
1 A DA 7  1_555 B DT 6  1_555 A DA 8  1_555 B DT 5  1_555 -0.712 0.013  3.126 -3.631  3.003   32.036 -0.490 0.657  3.173 5.404   
6.535  32.372 7  BB_DA7DA8:DT17DT18_CC   B 7  ? C 18 ? B 8  ? C 17 ? 
1 A DA 8  1_555 B DT 5  1_555 A DA 9  1_555 B DT 4  1_555 -1.076 0.243  3.158 5.682   -5.271  40.581 0.877  2.100  2.935 -7.517  
-8.102 41.284 8  BB_DA8DA9:DT16DT17_CC   B 8  ? C 17 ? B 9  ? C 16 ? 
1 A DA 9  1_555 B DT 4  1_555 A DG 10 1_555 B DC 3  1_555 0.828  0.265  2.849 -10.403 5.532   21.880 -0.767 -4.526 2.231 13.397  
25.192 24.817 9  BB_DA9DG10:DC15DT16_CC  B 9  ? C 16 ? B 10 ? C 15 ? 
1 A DG 10 1_555 B DC 3  1_555 A DC 11 1_555 B DG 2  1_555 -1.172 0.548  3.577 -0.566  -10.297 43.281 1.752  1.493  3.382 -13.729 
0.755  44.435 10 BB_DG10DC11:DG14DC15_CC B 10 ? C 15 ? B 11 ? C 14 ? 
1 A DC 11 1_555 B DG 2  1_555 A DG 12 1_555 B DC 1  1_555 0.439  0.161  3.032 -3.093  -3.525  36.423 0.698  -1.085 2.959 -5.611  
4.924  36.714 11 BB_DC11DG12:DC13DG14_CC B 11 ? C 14 ? B 12 ? C 13 ? 
# 
_pdbx_audit_support.funding_organization   
'National Institutes of Health/National Institute of General Medical Sciences (NIH/NIGMS)' 
_pdbx_audit_support.country                'United States' 
_pdbx_audit_support.grant_number           GM111749 
_pdbx_audit_support.ordinal                1 
# 
loop_
_pdbx_entity_nonpoly.entity_id 
_pdbx_entity_nonpoly.name 
_pdbx_entity_nonpoly.comp_id 
3 "4,4'-(1H-benzimidazole-2,6-diyl)di(benzene-1-carboximidamide)" WFB 
4 'MAGNESIUM ION'                                                 MG  
5 water                                                           HOH 
# 
_pdbx_initial_refinement_model.id               1 
_pdbx_initial_refinement_model.entity_id_list   ? 
_pdbx_initial_refinement_model.type             'experimental model' 
_pdbx_initial_refinement_model.source_name      PDB 
_pdbx_initial_refinement_model.accession_code   1BNA 
_pdbx_initial_refinement_model.details          ? 
# 
_pdbx_struct_assembly_auth_evidence.id                     1 
_pdbx_struct_assembly_auth_evidence.assembly_id            1 
_pdbx_struct_assembly_auth_evidence.experimental_support   'mass spectrometry' 
_pdbx_struct_assembly_auth_evidence.details                
;5'-CGCAAAAAAGCG-3'
     l l l l l l l l l l l l
          DB1476
     l l l l l l l l l l l l
 3'-GCGTTTTTTCGC-5
;
# 
